data_4DSH
#
_entry.id   4DSH
#
_cell.length_a   143.840
_cell.length_b   143.840
_cell.length_c   354.389
_cell.angle_alpha   90.000
_cell.angle_beta   90.000
_cell.angle_gamma   120.000
#
_symmetry.space_group_name_H-M   'P 65 2 2'
#
loop_
_entity.id
_entity.type
_entity.pdbx_description
1 polymer 'UDP-galactopyranose mutase'
2 non-polymer "URIDINE-5'-DIPHOSPHATE"
3 non-polymer 'DIHYDROFLAVINE-ADENINE DINUCLEOTIDE'
4 non-polymer 'SULFATE ION'
5 non-polymer '4-(2-HYDROXYETHYL)-1-PIPERAZINE ETHANESULFONIC ACID'
6 water water
#
_entity_poly.entity_id   1
_entity_poly.type   'polypeptide(L)'
_entity_poly.pdbx_seq_one_letter_code
;AIAMAELLTPKIVIIGAGPTGLGAAVRLTELGYKNWHLYECNDTPGGLSRSFLDENGFTWDLGGHVIFSHYQYFDDVMDW
AVQGWNVLQRESWVWVRGRWVPYPFQNNIHRLPEQDRKRCLDELVRSHARTYTEPPNNFEESFTRQFGEGIADIFMRPYN
FKVWAVPPCLMSTEWVEERVAPVDLERIRRNIQENRDDLGWGPNATFRFPQRGGTGIIYQAIKEKLPSEKLTFNSGFQAI
AIDADAKTITFSNGEVVSYDYLISTVPFDNLLRMTKGTGFKGYDEWPAIADKMVYSSTNVIGIGVKGTPPPHLKTACWLY
FPEDTSPFYRATVFSNYSKYNVPEGHWSLMLEVSESKYKPVNHSTLIEDCIVGCLASNLLLPEDLLVSKWHYRIEKGYPT
PFIGRNNLLEKAQPELMSRCIYSRGRFGAWRYEVGNQDHSFMQGVEAIDHVLGLATEETTVANPGRVNGTRATTHFGLLQ
KDMV
;
_entity_poly.pdbx_strand_id   A,B
#
loop_
_chem_comp.id
_chem_comp.type
_chem_comp.name
_chem_comp.formula
EPE non-polymer '4-(2-HYDROXYETHYL)-1-PIPERAZINE ETHANESULFONIC ACID' 'C8 H18 N2 O4 S'
FDA non-polymer 'DIHYDROFLAVINE-ADENINE DINUCLEOTIDE' 'C27 H35 N9 O15 P2'
SO4 non-polymer 'SULFATE ION' 'O4 S -2'
UDP RNA linking URIDINE-5'-DIPHOSPHATE 'C9 H14 N2 O12 P2'
#
# COMPACT_ATOMS: atom_id res chain seq x y z
N LEU A 7 36.86 -33.10 -22.83
CA LEU A 7 37.02 -32.34 -21.59
C LEU A 7 35.69 -32.08 -20.89
N LEU A 8 35.48 -32.76 -19.76
CA LEU A 8 34.25 -32.59 -18.99
C LEU A 8 34.22 -31.26 -18.22
N THR A 9 33.07 -30.59 -18.26
CA THR A 9 32.92 -29.30 -17.63
C THR A 9 31.71 -29.31 -16.69
N PRO A 10 31.65 -28.37 -15.74
CA PRO A 10 30.54 -28.30 -14.79
C PRO A 10 29.16 -28.21 -15.49
N LYS A 11 28.20 -28.94 -14.96
CA LYS A 11 26.87 -28.98 -15.55
C LYS A 11 26.08 -27.71 -15.22
N ILE A 12 25.66 -26.99 -16.25
CA ILE A 12 24.87 -25.76 -16.08
C ILE A 12 23.42 -25.99 -16.51
N VAL A 13 22.51 -25.78 -15.57
CA VAL A 13 21.08 -25.90 -15.85
C VAL A 13 20.42 -24.51 -15.87
N ILE A 14 19.61 -24.25 -16.88
CA ILE A 14 18.92 -22.96 -17.01
C ILE A 14 17.43 -23.22 -16.84
N ILE A 15 16.78 -22.48 -15.95
CA ILE A 15 15.33 -22.60 -15.80
C ILE A 15 14.65 -21.37 -16.39
N GLY A 16 13.91 -21.58 -17.47
CA GLY A 16 13.21 -20.48 -18.11
C GLY A 16 13.79 -20.17 -19.48
N ALA A 17 12.92 -20.10 -20.49
CA ALA A 17 13.33 -19.77 -21.85
C ALA A 17 12.76 -18.43 -22.29
N GLY A 18 12.81 -17.43 -21.42
CA GLY A 18 12.53 -16.06 -21.84
C GLY A 18 13.87 -15.48 -22.30
N PRO A 19 13.90 -14.19 -22.61
CA PRO A 19 15.17 -13.59 -23.05
C PRO A 19 16.35 -13.88 -22.13
N THR A 20 16.13 -13.93 -20.81
CA THR A 20 17.27 -14.11 -19.90
C THR A 20 17.86 -15.51 -20.06
N GLY A 21 17.01 -16.51 -19.99
CA GLY A 21 17.43 -17.89 -20.17
C GLY A 21 18.04 -18.13 -21.53
N LEU A 22 17.39 -17.64 -22.58
CA LEU A 22 17.91 -17.80 -23.94
C LEU A 22 19.25 -17.08 -24.08
N GLY A 23 19.43 -15.99 -23.33
CA GLY A 23 20.68 -15.27 -23.32
C GLY A 23 21.79 -16.17 -22.79
N ALA A 24 21.55 -16.82 -21.66
CA ALA A 24 22.51 -17.79 -21.12
C ALA A 24 22.77 -18.92 -22.13
N ALA A 25 21.72 -19.44 -22.76
CA ALA A 25 21.89 -20.53 -23.73
C ALA A 25 22.72 -20.09 -24.93
N VAL A 26 22.45 -18.89 -25.43
CA VAL A 26 23.17 -18.40 -26.60
C VAL A 26 24.66 -18.25 -26.33
N ARG A 27 25.01 -17.64 -25.21
CA ARG A 27 26.40 -17.48 -24.82
C ARG A 27 27.10 -18.84 -24.73
N LEU A 28 26.47 -19.80 -24.06
CA LEU A 28 27.01 -21.15 -23.96
C LEU A 28 27.25 -21.72 -25.35
N THR A 29 26.30 -21.53 -26.25
CA THR A 29 26.42 -22.02 -27.61
C THR A 29 27.60 -21.36 -28.32
N GLU A 30 27.70 -20.03 -28.21
CA GLU A 30 28.82 -19.29 -28.79
C GLU A 30 30.15 -19.86 -28.29
N LEU A 31 30.22 -20.13 -26.98
CA LEU A 31 31.43 -20.68 -26.39
C LEU A 31 31.69 -22.16 -26.73
N GLY A 32 30.70 -22.80 -27.35
CA GLY A 32 30.81 -24.21 -27.68
C GLY A 32 30.74 -25.10 -26.46
N TYR A 33 30.15 -24.58 -25.38
CA TYR A 33 29.97 -25.35 -24.15
C TYR A 33 28.98 -26.49 -24.36
N LYS A 34 29.27 -27.66 -23.81
CA LYS A 34 28.45 -28.84 -24.09
C LYS A 34 27.58 -29.29 -22.92
N ASN A 35 28.07 -29.11 -21.69
CA ASN A 35 27.35 -29.63 -20.54
C ASN A 35 26.31 -28.66 -19.94
N TRP A 36 25.22 -28.45 -20.67
CA TRP A 36 24.15 -27.58 -20.18
C TRP A 36 22.80 -28.04 -20.68
N HIS A 37 21.74 -27.60 -20.01
CA HIS A 37 20.39 -27.91 -20.45
C HIS A 37 19.44 -26.82 -19.98
N LEU A 38 18.50 -26.44 -20.83
CA LEU A 38 17.52 -25.43 -20.48
C LEU A 38 16.12 -26.04 -20.32
N TYR A 39 15.41 -25.69 -19.25
CA TYR A 39 14.05 -26.19 -19.02
C TYR A 39 13.02 -25.06 -19.00
N GLU A 40 11.94 -25.26 -19.75
CA GLU A 40 10.85 -24.28 -19.82
C GLU A 40 9.51 -25.01 -19.72
N CYS A 41 8.57 -24.47 -18.95
CA CYS A 41 7.29 -25.14 -18.78
C CYS A 41 6.23 -24.73 -19.82
N ASN A 42 6.40 -23.56 -20.45
CA ASN A 42 5.60 -23.18 -21.63
C ASN A 42 5.97 -24.03 -22.85
N ASP A 43 5.10 -24.12 -23.85
CA ASP A 43 5.40 -24.91 -25.05
C ASP A 43 6.34 -24.17 -25.99
N THR A 44 6.57 -22.91 -25.69
CA THR A 44 7.14 -21.97 -26.65
C THR A 44 8.14 -21.04 -25.98
N PRO A 45 9.19 -20.62 -26.70
CA PRO A 45 10.19 -19.73 -26.10
C PRO A 45 9.74 -18.27 -26.07
N GLY A 46 10.19 -17.52 -25.07
CA GLY A 46 9.99 -16.08 -25.06
C GLY A 46 9.45 -15.48 -23.77
N GLY A 47 8.76 -16.28 -22.95
CA GLY A 47 8.20 -15.78 -21.70
C GLY A 47 7.32 -14.56 -21.94
N LEU A 48 7.58 -13.47 -21.22
CA LEU A 48 6.80 -12.24 -21.40
C LEU A 48 7.01 -11.60 -22.78
N SER A 49 7.97 -12.11 -23.53
CA SER A 49 8.21 -11.59 -24.87
C SER A 49 7.69 -12.51 -25.97
N ARG A 50 6.72 -13.35 -25.63
CA ARG A 50 6.05 -14.21 -26.61
C ARG A 50 4.99 -13.40 -27.34
N SER A 51 4.53 -13.93 -28.47
CA SER A 51 3.42 -13.35 -29.23
C SER A 51 2.38 -14.43 -29.42
N PHE A 52 1.14 -14.02 -29.66
CA PHE A 52 0.05 -14.97 -29.82
C PHE A 52 -0.76 -14.66 -31.08
N LEU A 53 -1.16 -15.70 -31.79
CA LEU A 53 -2.01 -15.56 -32.96
C LEU A 53 -3.43 -15.96 -32.61
N ASP A 54 -4.38 -15.02 -32.65
CA ASP A 54 -5.74 -15.37 -32.24
C ASP A 54 -6.54 -16.02 -33.34
N GLU A 55 -7.72 -16.53 -33.00
CA GLU A 55 -8.54 -17.28 -33.98
C GLU A 55 -8.98 -16.43 -35.17
N ASN A 56 -8.86 -15.10 -35.03
CA ASN A 56 -9.26 -14.20 -36.11
C ASN A 56 -8.12 -13.63 -36.94
N GLY A 57 -6.91 -14.16 -36.72
CA GLY A 57 -5.77 -13.74 -37.53
C GLY A 57 -4.96 -12.55 -37.00
N PHE A 58 -5.28 -12.11 -35.79
CA PHE A 58 -4.56 -11.00 -35.16
C PHE A 58 -3.39 -11.51 -34.32
N THR A 59 -2.22 -10.93 -34.54
CA THR A 59 -1.07 -11.23 -33.67
C THR A 59 -1.09 -10.26 -32.49
N TRP A 60 -0.77 -10.76 -31.29
CA TRP A 60 -0.67 -9.91 -30.12
C TRP A 60 0.66 -10.10 -29.39
N ASP A 61 1.27 -9.02 -28.92
CA ASP A 61 2.36 -9.12 -27.93
C ASP A 61 1.70 -9.06 -26.55
N LEU A 62 2.49 -9.31 -25.50
CA LEU A 62 1.97 -9.15 -24.14
C LEU A 62 2.26 -7.72 -23.69
N GLY A 63 1.52 -6.77 -24.26
CA GLY A 63 1.79 -5.38 -24.01
C GLY A 63 2.76 -4.84 -25.04
N GLY A 64 2.84 -3.52 -25.16
CA GLY A 64 3.73 -2.92 -26.13
C GLY A 64 5.18 -3.31 -25.90
N HIS A 65 5.77 -4.02 -26.85
CA HIS A 65 7.20 -4.37 -26.83
C HIS A 65 7.87 -3.81 -28.07
N VAL A 66 8.96 -3.08 -27.88
CA VAL A 66 9.77 -2.65 -29.02
C VAL A 66 11.24 -2.96 -28.74
N ILE A 67 11.98 -3.28 -29.78
CA ILE A 67 13.39 -3.62 -29.59
C ILE A 67 14.28 -2.39 -29.65
N PHE A 68 15.00 -2.15 -28.56
CA PHE A 68 16.01 -1.12 -28.53
C PHE A 68 17.11 -1.56 -27.57
N SER A 69 18.36 -1.41 -27.97
CA SER A 69 19.44 -2.11 -27.28
C SER A 69 20.51 -1.19 -26.73
N HIS A 70 21.01 -1.52 -25.54
CA HIS A 70 22.19 -0.87 -24.98
C HIS A 70 23.48 -1.65 -25.26
N TYR A 71 23.41 -2.75 -26.03
CA TYR A 71 24.57 -3.61 -26.22
C TYR A 71 24.79 -4.00 -27.68
N GLN A 72 26.04 -3.96 -28.13
CA GLN A 72 26.35 -4.42 -29.46
C GLN A 72 26.03 -5.91 -29.54
N TYR A 73 26.27 -6.62 -28.43
CA TYR A 73 26.10 -8.07 -28.41
C TYR A 73 24.67 -8.46 -28.79
N PHE A 74 23.70 -7.82 -28.12
CA PHE A 74 22.29 -8.10 -28.32
C PHE A 74 21.84 -7.69 -29.72
N ASP A 75 22.25 -6.49 -30.15
CA ASP A 75 22.00 -6.09 -31.54
C ASP A 75 22.45 -7.15 -32.55
N ASP A 76 23.62 -7.75 -32.30
CA ASP A 76 24.17 -8.76 -33.21
C ASP A 76 23.30 -10.00 -33.16
N VAL A 77 22.90 -10.38 -31.96
CA VAL A 77 22.02 -11.53 -31.79
C VAL A 77 20.71 -11.33 -32.55
N MET A 78 20.16 -10.12 -32.48
CA MET A 78 18.94 -9.79 -33.20
C MET A 78 19.16 -9.92 -34.71
N ASP A 79 20.29 -9.43 -35.19
CA ASP A 79 20.60 -9.51 -36.62
C ASP A 79 20.77 -10.96 -37.05
N TRP A 80 21.36 -11.76 -36.16
CA TRP A 80 21.61 -13.17 -36.39
C TRP A 80 20.33 -14.00 -36.38
N ALA A 81 19.41 -13.66 -35.49
CA ALA A 81 18.18 -14.44 -35.31
C ALA A 81 17.13 -14.11 -36.37
N VAL A 82 16.99 -12.82 -36.67
CA VAL A 82 15.88 -12.37 -37.50
C VAL A 82 16.36 -11.52 -38.66
N GLN A 83 15.99 -11.93 -39.86
CA GLN A 83 16.16 -11.08 -41.02
C GLN A 83 14.77 -10.59 -41.35
N GLY A 84 14.65 -9.32 -41.67
CA GLY A 84 13.33 -8.74 -41.85
C GLY A 84 12.88 -7.99 -40.61
N TRP A 85 13.40 -6.77 -40.47
CA TRP A 85 13.08 -5.88 -39.37
C TRP A 85 12.47 -4.60 -39.93
N ASN A 86 11.49 -4.05 -39.22
CA ASN A 86 11.04 -2.68 -39.48
C ASN A 86 11.67 -1.74 -38.47
N VAL A 87 12.27 -0.67 -38.95
CA VAL A 87 12.88 0.32 -38.08
C VAL A 87 11.99 1.53 -38.06
N LEU A 88 11.57 1.95 -36.87
CA LEU A 88 10.64 3.07 -36.76
C LEU A 88 11.16 4.19 -35.86
N GLN A 89 10.78 5.42 -36.21
CA GLN A 89 10.93 6.56 -35.32
C GLN A 89 9.72 6.56 -34.39
N ARG A 90 9.97 6.68 -33.10
CA ARG A 90 8.91 6.63 -32.12
C ARG A 90 7.99 7.83 -32.29
N GLU A 91 6.70 7.57 -32.38
CA GLU A 91 5.75 8.65 -32.37
C GLU A 91 4.76 8.33 -31.28
N SER A 92 5.00 8.91 -30.11
CA SER A 92 4.26 8.55 -28.93
C SER A 92 3.62 9.79 -28.29
N TRP A 93 2.40 9.64 -27.79
CA TRP A 93 1.64 10.78 -27.32
C TRP A 93 0.96 10.49 -26.00
N VAL A 94 0.55 11.57 -25.33
CA VAL A 94 -0.20 11.48 -24.09
C VAL A 94 -1.56 12.14 -24.30
N TRP A 95 -2.63 11.43 -23.98
CA TRP A 95 -3.99 11.98 -24.10
C TRP A 95 -4.40 12.55 -22.76
N VAL A 96 -4.42 13.87 -22.67
CA VAL A 96 -4.62 14.51 -21.39
C VAL A 96 -5.24 15.90 -21.54
N ARG A 97 -6.23 16.20 -20.73
CA ARG A 97 -6.93 17.48 -20.80
C ARG A 97 -7.41 17.77 -22.23
N GLY A 98 -7.88 16.73 -22.93
CA GLY A 98 -8.48 16.93 -24.23
C GLY A 98 -7.51 17.19 -25.37
N ARG A 99 -6.22 16.99 -25.11
CA ARG A 99 -5.18 17.27 -26.11
C ARG A 99 -4.24 16.09 -26.30
N TRP A 100 -3.70 15.97 -27.50
CA TRP A 100 -2.59 15.07 -27.73
C TRP A 100 -1.27 15.79 -27.44
N VAL A 101 -0.58 15.36 -26.40
CA VAL A 101 0.68 15.97 -26.00
C VAL A 101 1.81 15.00 -26.32
N PRO A 102 2.84 15.47 -27.04
CA PRO A 102 3.97 14.61 -27.41
C PRO A 102 4.67 14.06 -26.16
N TYR A 103 5.02 12.78 -26.19
CA TYR A 103 5.86 12.20 -25.16
C TYR A 103 7.23 12.88 -25.24
N PRO A 104 7.84 13.18 -24.08
CA PRO A 104 7.31 13.06 -22.72
C PRO A 104 6.43 14.22 -22.34
N PHE A 105 5.37 13.96 -21.58
CA PHE A 105 4.43 14.99 -21.16
C PHE A 105 5.14 16.21 -20.60
N GLN A 106 6.05 15.98 -19.66
CA GLN A 106 6.64 17.05 -18.87
C GLN A 106 7.46 18.04 -19.72
N ASN A 107 7.91 17.59 -20.89
CA ASN A 107 8.74 18.45 -21.73
C ASN A 107 7.92 19.19 -22.77
N ASN A 108 6.61 18.97 -22.79
CA ASN A 108 5.76 19.45 -23.86
C ASN A 108 4.47 20.08 -23.38
N ILE A 109 4.52 20.75 -22.23
CA ILE A 109 3.33 21.31 -21.63
C ILE A 109 2.73 22.45 -22.46
N HIS A 110 3.47 22.92 -23.45
CA HIS A 110 2.95 23.95 -24.34
C HIS A 110 1.77 23.44 -25.18
N ARG A 111 1.58 22.12 -25.22
CA ARG A 111 0.45 21.57 -25.97
C ARG A 111 -0.83 21.43 -25.12
N LEU A 112 -0.74 21.84 -23.85
CA LEU A 112 -1.90 21.76 -22.96
C LEU A 112 -2.82 22.94 -23.25
N PRO A 113 -4.11 22.84 -22.93
CA PRO A 113 -4.94 24.05 -23.02
C PRO A 113 -4.31 25.14 -22.15
N GLU A 114 -4.51 26.39 -22.52
CA GLU A 114 -3.86 27.54 -21.88
C GLU A 114 -3.83 27.47 -20.36
N GLN A 115 -4.99 27.28 -19.73
CA GLN A 115 -5.01 27.34 -18.27
C GLN A 115 -4.19 26.21 -17.62
N ASP A 116 -4.18 25.03 -18.22
CA ASP A 116 -3.39 23.93 -17.67
C ASP A 116 -1.90 24.19 -17.90
N ARG A 117 -1.58 24.74 -19.07
CA ARG A 117 -0.20 25.08 -19.36
C ARG A 117 0.34 26.10 -18.37
N LYS A 118 -0.46 27.15 -18.12
CA LYS A 118 -0.06 28.19 -17.17
C LYS A 118 0.13 27.58 -15.79
N ARG A 119 -0.80 26.74 -15.36
CA ARG A 119 -0.65 26.07 -14.08
C ARG A 119 0.63 25.23 -14.03
N CYS A 120 0.95 24.53 -15.11
CA CYS A 120 2.14 23.69 -15.11
C CYS A 120 3.42 24.50 -15.06
N LEU A 121 3.49 25.55 -15.88
CA LEU A 121 4.67 26.39 -15.92
C LEU A 121 4.88 27.10 -14.59
N ASP A 122 3.82 27.71 -14.06
CA ASP A 122 3.90 28.48 -12.82
C ASP A 122 4.35 27.61 -11.65
N GLU A 123 3.69 26.47 -11.49
CA GLU A 123 4.04 25.52 -10.44
C GLU A 123 5.46 25.02 -10.62
N LEU A 124 5.94 24.96 -11.86
CA LEU A 124 7.31 24.57 -12.11
C LEU A 124 8.29 25.66 -11.65
N VAL A 125 7.94 26.92 -11.92
CA VAL A 125 8.71 28.05 -11.43
C VAL A 125 8.72 28.05 -9.89
N ARG A 126 7.56 27.81 -9.30
CA ARG A 126 7.46 27.83 -7.84
C ARG A 126 8.30 26.73 -7.18
N SER A 127 8.35 25.54 -7.78
CA SER A 127 9.13 24.48 -7.16
C SER A 127 10.63 24.69 -7.40
N HIS A 128 10.97 25.39 -8.46
CA HIS A 128 12.35 25.84 -8.63
C HIS A 128 12.75 26.79 -7.50
N ALA A 129 11.81 27.60 -7.03
CA ALA A 129 12.07 28.56 -5.94
C ALA A 129 12.17 27.91 -4.56
N ARG A 130 11.81 26.63 -4.45
CA ARG A 130 11.87 25.91 -3.18
C ARG A 130 13.11 25.02 -3.12
N THR A 131 13.89 25.14 -2.06
CA THR A 131 15.01 24.22 -1.85
C THR A 131 14.97 23.45 -0.53
N TYR A 132 15.69 22.32 -0.51
CA TYR A 132 15.57 21.32 0.55
C TYR A 132 16.94 20.84 1.03
N THR A 133 17.04 20.59 2.33
CA THR A 133 18.26 20.09 2.96
C THR A 133 18.54 18.64 2.57
N GLU A 134 17.49 17.84 2.50
CA GLU A 134 17.66 16.42 2.21
C GLU A 134 17.01 16.06 0.87
N PRO A 135 17.49 14.96 0.25
CA PRO A 135 16.92 14.45 -1.00
C PRO A 135 15.56 13.84 -0.72
N PRO A 136 14.73 13.67 -1.76
CA PRO A 136 13.40 13.09 -1.50
C PRO A 136 13.49 11.62 -1.07
N ASN A 137 12.56 11.22 -0.22
CA ASN A 137 12.54 9.86 0.30
C ASN A 137 11.80 8.88 -0.61
N ASN A 138 11.05 9.39 -1.57
CA ASN A 138 10.29 8.50 -2.44
C ASN A 138 9.97 9.12 -3.79
N PHE A 139 9.48 8.30 -4.72
CA PHE A 139 9.26 8.73 -6.10
C PHE A 139 8.29 9.91 -6.17
N GLU A 140 7.21 9.85 -5.41
CA GLU A 140 6.25 10.96 -5.41
C GLU A 140 6.86 12.28 -4.92
N GLU A 141 7.60 12.24 -3.81
CA GLU A 141 8.23 13.48 -3.33
C GLU A 141 9.20 13.94 -4.41
N SER A 142 9.85 12.98 -5.04
CA SER A 142 10.84 13.32 -6.05
C SER A 142 10.22 14.04 -7.25
N PHE A 143 9.17 13.47 -7.85
CA PHE A 143 8.63 14.11 -9.05
C PHE A 143 7.83 15.37 -8.74
N THR A 144 7.36 15.47 -7.51
CA THR A 144 6.67 16.66 -7.08
C THR A 144 7.65 17.81 -6.95
N ARG A 145 8.82 17.55 -6.38
CA ARG A 145 9.83 18.59 -6.23
C ARG A 145 10.44 18.97 -7.56
N GLN A 146 10.57 17.98 -8.43
CA GLN A 146 11.27 18.15 -9.68
C GLN A 146 10.43 18.90 -10.72
N PHE A 147 9.16 18.52 -10.82
CA PHE A 147 8.28 19.01 -11.89
C PHE A 147 7.24 20.04 -11.44
N GLY A 148 7.05 20.17 -10.13
CA GLY A 148 6.05 21.07 -9.60
C GLY A 148 4.70 20.40 -9.48
N GLU A 149 3.79 21.03 -8.76
CA GLU A 149 2.46 20.47 -8.47
C GLU A 149 1.53 20.41 -9.70
N GLY A 150 1.78 21.24 -10.70
CA GLY A 150 0.96 21.21 -11.91
C GLY A 150 1.17 19.92 -12.70
N ILE A 151 2.40 19.70 -13.10
CA ILE A 151 2.77 18.48 -13.79
C ILE A 151 2.46 17.24 -12.93
N ALA A 152 2.68 17.34 -11.61
CA ALA A 152 2.40 16.23 -10.71
C ALA A 152 0.92 15.85 -10.69
N ASP A 153 0.06 16.86 -10.60
CA ASP A 153 -1.38 16.64 -10.48
C ASP A 153 -2.02 16.19 -11.79
N ILE A 154 -1.64 16.84 -12.88
CA ILE A 154 -2.24 16.53 -14.16
C ILE A 154 -1.69 15.22 -14.73
N PHE A 155 -0.39 14.97 -14.54
CA PHE A 155 0.21 13.78 -15.14
C PHE A 155 0.90 12.77 -14.21
N MET A 156 1.94 13.20 -13.48
CA MET A 156 2.80 12.25 -12.76
C MET A 156 2.10 11.34 -11.75
N ARG A 157 1.20 11.91 -10.97
CA ARG A 157 0.58 11.16 -9.91
C ARG A 157 -0.50 10.23 -10.45
N PRO A 158 -1.43 10.77 -11.28
CA PRO A 158 -2.47 9.82 -11.74
C PRO A 158 -1.90 8.81 -12.72
N TYR A 159 -0.98 9.23 -13.59
CA TYR A 159 -0.41 8.28 -14.54
C TYR A 159 0.38 7.18 -13.83
N ASN A 160 1.23 7.56 -12.89
CA ASN A 160 2.06 6.53 -12.25
C ASN A 160 1.26 5.52 -11.44
N PHE A 161 0.18 5.96 -10.80
CA PHE A 161 -0.65 4.98 -10.12
C PHE A 161 -1.32 4.08 -11.15
N LYS A 162 -1.80 4.69 -12.23
CA LYS A 162 -2.48 3.92 -13.28
C LYS A 162 -1.59 2.83 -13.91
N VAL A 163 -0.28 3.07 -14.06
CA VAL A 163 0.56 2.02 -14.63
C VAL A 163 1.14 1.08 -13.57
N TRP A 164 1.75 1.64 -12.53
CA TRP A 164 2.41 0.84 -11.49
C TRP A 164 1.43 0.10 -10.58
N ALA A 165 0.21 0.62 -10.44
CA ALA A 165 -0.81 0.01 -9.57
C ALA A 165 -0.31 -0.03 -8.13
N VAL A 166 0.64 0.85 -7.82
CA VAL A 166 1.20 0.98 -6.49
C VAL A 166 1.32 2.49 -6.25
N PRO A 167 0.91 2.98 -5.06
CA PRO A 167 1.09 4.41 -4.83
C PRO A 167 2.56 4.82 -5.02
N PRO A 168 2.82 5.86 -5.82
CA PRO A 168 4.21 6.21 -6.14
C PRO A 168 4.99 6.63 -4.90
N CYS A 169 4.30 6.93 -3.82
CA CYS A 169 4.97 7.29 -2.57
C CYS A 169 5.61 6.05 -1.92
N LEU A 170 5.33 4.86 -2.45
CA LEU A 170 5.96 3.64 -1.94
C LEU A 170 7.11 3.20 -2.83
N MET A 171 7.43 4.02 -3.82
CA MET A 171 8.49 3.68 -4.77
C MET A 171 9.78 4.44 -4.52
N SER A 172 10.91 3.79 -4.80
CA SER A 172 12.23 4.42 -4.71
C SER A 172 12.41 5.41 -5.85
N THR A 173 13.57 6.07 -5.88
CA THR A 173 13.79 7.20 -6.76
C THR A 173 14.89 7.03 -7.79
N GLU A 174 15.72 6.00 -7.66
CA GLU A 174 16.92 5.94 -8.49
C GLU A 174 16.82 5.11 -9.77
N TRP A 175 15.64 4.52 -10.02
CA TRP A 175 15.42 3.71 -11.22
C TRP A 175 15.04 4.57 -12.42
N VAL A 176 14.95 5.88 -12.21
CA VAL A 176 14.28 6.74 -13.17
C VAL A 176 15.17 7.22 -14.31
N GLU A 177 16.47 6.99 -14.20
CA GLU A 177 17.44 7.66 -15.08
C GLU A 177 17.08 7.62 -16.57
N GLU A 178 16.73 6.45 -17.07
CA GLU A 178 16.35 6.37 -18.48
C GLU A 178 14.86 6.25 -18.72
N ARG A 179 14.07 6.52 -17.69
CA ARG A 179 12.62 6.37 -17.79
C ARG A 179 11.87 7.69 -17.62
N VAL A 180 12.31 8.52 -16.69
CA VAL A 180 11.62 9.80 -16.44
C VAL A 180 12.46 11.00 -16.90
N ALA A 181 12.06 11.62 -18.00
CA ALA A 181 12.83 12.73 -18.56
C ALA A 181 12.82 13.93 -17.62
N PRO A 182 13.95 14.63 -17.53
CA PRO A 182 14.09 15.85 -16.73
C PRO A 182 13.57 17.03 -17.53
N VAL A 183 13.25 18.12 -16.84
CA VAL A 183 12.85 19.34 -17.52
C VAL A 183 13.87 20.45 -17.36
N ASP A 184 13.90 21.36 -18.33
CA ASP A 184 14.71 22.56 -18.25
C ASP A 184 13.77 23.76 -18.35
N LEU A 185 13.79 24.63 -17.35
CA LEU A 185 12.83 25.72 -17.29
C LEU A 185 12.99 26.71 -18.45
N GLU A 186 14.21 27.06 -18.81
CA GLU A 186 14.46 27.99 -19.91
C GLU A 186 13.99 27.38 -21.26
N ARG A 187 14.29 26.11 -21.47
CA ARG A 187 13.81 25.43 -22.67
C ARG A 187 12.29 25.44 -22.74
N ILE A 188 11.65 25.09 -21.64
CA ILE A 188 10.20 25.05 -21.60
C ILE A 188 9.59 26.42 -21.92
N ARG A 189 10.14 27.48 -21.34
CA ARG A 189 9.63 28.81 -21.63
C ARG A 189 9.78 29.15 -23.11
N ARG A 190 10.88 28.73 -23.71
CA ARG A 190 11.08 29.01 -25.12
C ARG A 190 10.09 28.18 -25.98
N ASN A 191 9.91 26.91 -25.63
CA ASN A 191 8.95 26.07 -26.34
C ASN A 191 7.61 26.75 -26.36
N ILE A 192 7.24 27.32 -25.22
CA ILE A 192 5.95 27.98 -25.07
C ILE A 192 5.87 29.21 -25.96
N GLN A 193 6.97 29.95 -26.09
CA GLN A 193 6.98 31.13 -26.93
C GLN A 193 6.84 30.76 -28.40
N GLU A 194 7.40 29.61 -28.75
CA GLU A 194 7.50 29.20 -30.16
C GLU A 194 6.56 28.06 -30.57
N ASN A 195 5.73 27.57 -29.64
CA ASN A 195 5.03 26.28 -29.79
C ASN A 195 5.93 25.19 -30.41
N ARG A 196 7.08 24.98 -29.78
CA ARG A 196 8.12 24.10 -30.30
C ARG A 196 8.12 22.79 -29.52
N ASP A 197 7.71 21.70 -30.18
CA ASP A 197 7.73 20.38 -29.54
C ASP A 197 9.15 19.95 -29.22
N ASP A 198 9.30 19.26 -28.09
CA ASP A 198 10.57 18.73 -27.65
C ASP A 198 10.55 17.23 -27.88
N LEU A 199 11.14 16.77 -28.98
CA LEU A 199 10.99 15.38 -29.38
C LEU A 199 12.30 14.59 -29.30
N GLY A 200 12.18 13.27 -29.31
CA GLY A 200 13.35 12.41 -29.47
C GLY A 200 14.06 12.01 -28.20
N TRP A 201 13.48 12.29 -27.04
CA TRP A 201 14.14 11.92 -25.79
C TRP A 201 14.03 10.42 -25.52
N GLY A 202 15.09 9.84 -24.98
CA GLY A 202 15.01 8.48 -24.47
C GLY A 202 15.61 7.42 -25.38
N PRO A 203 15.94 6.26 -24.79
CA PRO A 203 16.65 5.18 -25.48
C PRO A 203 15.79 4.45 -26.52
N ASN A 204 14.48 4.65 -26.48
CA ASN A 204 13.63 4.05 -27.51
C ASN A 204 13.05 5.05 -28.50
N ALA A 205 13.70 6.21 -28.66
CA ALA A 205 13.24 7.22 -29.62
C ALA A 205 13.25 6.63 -31.02
N THR A 206 14.16 5.69 -31.23
CA THR A 206 14.19 4.86 -32.42
C THR A 206 14.11 3.42 -31.95
N PHE A 207 13.35 2.60 -32.64
CA PHE A 207 13.26 1.20 -32.27
C PHE A 207 13.06 0.33 -33.48
N ARG A 208 13.04 -0.98 -33.29
CA ARG A 208 12.82 -1.88 -34.40
C ARG A 208 11.85 -2.97 -33.97
N PHE A 209 11.19 -3.59 -34.94
CA PHE A 209 10.17 -4.59 -34.66
C PHE A 209 10.14 -5.61 -35.79
N PRO A 210 9.96 -6.90 -35.47
CA PRO A 210 10.00 -7.90 -36.54
C PRO A 210 8.84 -7.71 -37.53
N GLN A 211 9.10 -7.95 -38.80
CA GLN A 211 8.08 -7.86 -39.83
C GLN A 211 6.98 -8.91 -39.70
N ARG A 212 7.30 -10.08 -39.13
CA ARG A 212 6.31 -11.15 -39.03
C ARG A 212 6.47 -11.98 -37.76
N GLY A 213 5.36 -12.25 -37.09
CA GLY A 213 5.36 -13.14 -35.95
C GLY A 213 5.44 -12.44 -34.61
N GLY A 214 5.45 -11.11 -34.62
CA GLY A 214 5.48 -10.35 -33.39
C GLY A 214 6.82 -10.51 -32.67
N THR A 215 6.91 -10.00 -31.45
CA THR A 215 8.15 -10.07 -30.70
C THR A 215 8.61 -11.52 -30.50
N GLY A 216 7.65 -12.42 -30.41
CA GLY A 216 7.94 -13.82 -30.12
C GLY A 216 8.71 -14.55 -31.20
N ILE A 217 8.65 -14.04 -32.43
CA ILE A 217 9.37 -14.68 -33.53
C ILE A 217 10.86 -14.60 -33.24
N ILE A 218 11.27 -13.58 -32.50
CA ILE A 218 12.69 -13.40 -32.18
C ILE A 218 13.21 -14.58 -31.40
N TYR A 219 12.45 -14.98 -30.38
CA TYR A 219 12.91 -16.02 -29.47
C TYR A 219 12.65 -17.41 -30.02
N GLN A 220 11.67 -17.52 -30.92
CA GLN A 220 11.48 -18.74 -31.70
C GLN A 220 12.67 -18.95 -32.64
N ALA A 221 13.04 -17.92 -33.39
CA ALA A 221 14.23 -18.01 -34.23
C ALA A 221 15.47 -18.34 -33.40
N ILE A 222 15.58 -17.75 -32.21
CA ILE A 222 16.76 -18.02 -31.39
C ILE A 222 16.75 -19.50 -31.00
N LYS A 223 15.59 -19.99 -30.59
CA LYS A 223 15.45 -21.37 -30.18
C LYS A 223 15.90 -22.32 -31.29
N GLU A 224 15.57 -21.98 -32.53
CA GLU A 224 15.87 -22.87 -33.65
C GLU A 224 17.36 -22.90 -33.97
N LYS A 225 18.11 -21.90 -33.49
CA LYS A 225 19.56 -21.84 -33.70
C LYS A 225 20.33 -22.65 -32.66
N LEU A 226 19.72 -22.89 -31.51
CA LEU A 226 20.39 -23.61 -30.42
C LEU A 226 20.27 -25.13 -30.62
N PRO A 227 21.14 -25.91 -29.94
CA PRO A 227 21.10 -27.37 -30.04
C PRO A 227 19.82 -27.93 -29.45
N SER A 228 18.99 -28.55 -30.27
CA SER A 228 17.64 -28.96 -29.85
C SER A 228 17.64 -29.91 -28.67
N GLU A 229 18.67 -30.75 -28.55
CA GLU A 229 18.69 -31.78 -27.53
C GLU A 229 18.92 -31.20 -26.14
N LYS A 230 19.39 -29.96 -26.10
CA LYS A 230 19.70 -29.29 -24.84
C LYS A 230 18.54 -28.44 -24.33
N LEU A 231 17.41 -28.50 -25.03
CA LEU A 231 16.23 -27.71 -24.65
C LEU A 231 15.03 -28.59 -24.34
N THR A 232 14.28 -28.22 -23.31
CA THR A 232 13.04 -28.93 -22.98
C THR A 232 11.90 -27.94 -22.78
N PHE A 233 10.84 -28.08 -23.57
CA PHE A 233 9.66 -27.22 -23.48
C PHE A 233 8.42 -28.05 -23.18
N ASN A 234 7.99 -28.09 -21.93
CA ASN A 234 6.95 -29.03 -21.54
C ASN A 234 6.38 -28.67 -20.18
N SER A 235 5.06 -28.72 -20.05
CA SER A 235 4.38 -28.26 -18.84
C SER A 235 4.76 -29.09 -17.60
N GLY A 236 5.23 -30.32 -17.84
CA GLY A 236 5.68 -31.17 -16.76
C GLY A 236 7.03 -30.73 -16.22
N PHE A 237 7.70 -29.85 -16.95
CA PHE A 237 9.00 -29.34 -16.52
C PHE A 237 8.92 -27.95 -15.91
N GLN A 238 7.88 -27.74 -15.12
CA GLN A 238 7.84 -26.60 -14.24
C GLN A 238 8.63 -26.96 -13.00
N ALA A 239 9.67 -26.18 -12.69
CA ALA A 239 10.45 -26.41 -11.47
C ALA A 239 9.59 -26.07 -10.26
N ILE A 240 9.49 -26.99 -9.31
CA ILE A 240 8.69 -26.77 -8.10
C ILE A 240 9.47 -26.96 -6.80
N ALA A 241 10.70 -27.44 -6.89
CA ALA A 241 11.54 -27.51 -5.69
C ALA A 241 13.01 -27.51 -6.04
N ILE A 242 13.78 -26.66 -5.37
CA ILE A 242 15.22 -26.66 -5.53
C ILE A 242 15.82 -27.14 -4.22
N ASP A 243 16.57 -28.25 -4.27
CA ASP A 243 17.31 -28.72 -3.09
C ASP A 243 18.76 -28.30 -3.29
N ALA A 244 19.19 -27.29 -2.55
CA ALA A 244 20.52 -26.73 -2.74
C ALA A 244 21.64 -27.54 -2.05
N ASP A 245 21.28 -28.46 -1.17
CA ASP A 245 22.27 -29.38 -0.58
C ASP A 245 22.54 -30.52 -1.57
N ALA A 246 21.47 -31.21 -1.97
CA ALA A 246 21.58 -32.26 -2.97
C ALA A 246 21.86 -31.70 -4.37
N LYS A 247 21.69 -30.38 -4.53
CA LYS A 247 21.82 -29.71 -5.84
C LYS A 247 20.99 -30.38 -6.92
N THR A 248 19.69 -30.48 -6.65
CA THR A 248 18.76 -31.02 -7.63
C THR A 248 17.59 -30.10 -7.82
N ILE A 249 16.92 -30.28 -8.95
CA ILE A 249 15.70 -29.58 -9.27
C ILE A 249 14.62 -30.63 -9.45
N THR A 250 13.53 -30.49 -8.72
CA THR A 250 12.39 -31.40 -8.88
C THR A 250 11.29 -30.71 -9.68
N PHE A 251 10.81 -31.37 -10.72
CA PHE A 251 9.75 -30.80 -11.56
C PHE A 251 8.35 -31.34 -11.23
N SER A 252 7.33 -30.65 -11.75
CA SER A 252 5.95 -31.02 -11.46
C SER A 252 5.60 -32.41 -11.99
N ASN A 253 6.30 -32.84 -13.05
CA ASN A 253 6.12 -34.19 -13.59
C ASN A 253 6.82 -35.27 -12.78
N GLY A 254 7.55 -34.86 -11.73
CA GLY A 254 8.19 -35.80 -10.83
C GLY A 254 9.64 -36.09 -11.13
N GLU A 255 10.12 -35.60 -12.28
CA GLU A 255 11.51 -35.77 -12.65
C GLU A 255 12.40 -34.97 -11.71
N VAL A 256 13.61 -35.49 -11.51
CA VAL A 256 14.61 -34.85 -10.70
C VAL A 256 15.88 -34.78 -11.54
N VAL A 257 16.52 -33.62 -11.60
CA VAL A 257 17.79 -33.51 -12.31
C VAL A 257 18.79 -32.72 -11.49
N SER A 258 20.06 -33.04 -11.70
CA SER A 258 21.12 -32.43 -10.90
C SER A 258 21.72 -31.26 -11.65
N TYR A 259 22.43 -30.39 -10.93
CA TYR A 259 23.11 -29.27 -11.54
C TYR A 259 24.37 -28.96 -10.75
N ASP A 260 25.37 -28.41 -11.42
CA ASP A 260 26.51 -27.81 -10.73
C ASP A 260 26.27 -26.31 -10.56
N TYR A 261 25.76 -25.68 -11.61
CA TYR A 261 25.31 -24.29 -11.54
C TYR A 261 23.87 -24.17 -12.03
N LEU A 262 23.09 -23.34 -11.34
CA LEU A 262 21.72 -23.06 -11.74
C LEU A 262 21.55 -21.59 -12.15
N ILE A 263 21.16 -21.38 -13.41
CA ILE A 263 20.74 -20.06 -13.86
C ILE A 263 19.22 -20.05 -13.81
N SER A 264 18.67 -19.47 -12.74
CA SER A 264 17.22 -19.40 -12.56
C SER A 264 16.65 -18.06 -13.00
N THR A 265 15.64 -18.10 -13.86
CA THR A 265 14.97 -16.87 -14.26
C THR A 265 13.51 -16.85 -13.81
N VAL A 266 13.14 -17.74 -12.89
CA VAL A 266 11.80 -17.71 -12.31
C VAL A 266 11.71 -16.50 -11.38
N PRO A 267 10.49 -16.06 -11.01
CA PRO A 267 10.42 -14.92 -10.08
C PRO A 267 11.20 -15.18 -8.81
N PHE A 268 11.87 -14.15 -8.33
CA PHE A 268 12.68 -14.24 -7.12
C PHE A 268 11.88 -14.69 -5.90
N ASP A 269 10.67 -14.19 -5.73
CA ASP A 269 9.80 -14.64 -4.67
C ASP A 269 9.43 -16.11 -4.78
N ASN A 270 9.21 -16.60 -5.97
CA ASN A 270 8.97 -18.00 -6.19
C ASN A 270 10.17 -18.88 -5.88
N LEU A 271 11.35 -18.41 -6.24
CA LEU A 271 12.57 -19.10 -5.99
C LEU A 271 12.86 -19.29 -4.52
N LEU A 272 12.73 -18.22 -3.76
CA LEU A 272 12.95 -18.27 -2.31
C LEU A 272 12.01 -19.26 -1.63
N ARG A 273 10.78 -19.36 -2.12
CA ARG A 273 9.79 -20.22 -1.48
C ARG A 273 9.94 -21.69 -1.84
N MET A 274 10.68 -21.99 -2.90
CA MET A 274 10.82 -23.38 -3.32
C MET A 274 12.25 -23.93 -3.12
N THR A 275 13.16 -23.07 -2.67
CA THR A 275 14.55 -23.46 -2.51
C THR A 275 14.82 -23.82 -1.06
N LYS A 276 15.30 -25.04 -0.84
CA LYS A 276 15.62 -25.49 0.51
C LYS A 276 17.08 -25.94 0.60
N GLY A 277 17.65 -25.89 1.80
CA GLY A 277 19.02 -26.28 2.01
C GLY A 277 19.47 -25.97 3.42
N THR A 278 20.67 -26.43 3.77
CA THR A 278 21.28 -26.12 5.06
C THR A 278 22.46 -25.17 4.83
N GLY A 279 22.85 -24.45 5.87
CA GLY A 279 24.00 -23.56 5.76
C GLY A 279 23.79 -22.25 5.01
N PHE A 280 22.55 -21.91 4.67
CA PHE A 280 22.27 -20.57 4.12
C PHE A 280 22.17 -19.55 5.25
N LYS A 281 23.05 -18.55 5.29
CA LYS A 281 22.90 -17.46 6.27
C LYS A 281 21.58 -16.72 6.03
N GLY A 282 20.79 -16.49 7.08
CA GLY A 282 19.54 -15.74 6.95
C GLY A 282 18.39 -16.53 6.34
N TYR A 283 18.62 -17.81 6.13
CA TYR A 283 17.62 -18.73 5.57
C TYR A 283 16.22 -18.60 6.16
N ASP A 284 16.11 -18.46 7.48
CA ASP A 284 14.82 -18.44 8.15
CA ASP A 284 14.79 -18.44 8.12
C ASP A 284 14.00 -17.16 7.82
N GLU A 285 14.65 -16.17 7.23
CA GLU A 285 13.99 -14.93 6.84
C GLU A 285 13.43 -15.01 5.40
N TRP A 286 13.79 -16.05 4.66
CA TRP A 286 13.37 -16.09 3.25
C TRP A 286 11.85 -15.92 3.02
N PRO A 287 11.02 -16.58 3.83
CA PRO A 287 9.57 -16.42 3.57
C PRO A 287 9.12 -14.97 3.75
N ALA A 288 9.64 -14.27 4.75
CA ALA A 288 9.23 -12.87 4.95
C ALA A 288 9.75 -12.02 3.82
N ILE A 289 10.93 -12.34 3.31
CA ILE A 289 11.49 -11.59 2.19
C ILE A 289 10.61 -11.74 0.96
N ALA A 290 10.23 -12.97 0.64
CA ALA A 290 9.37 -13.24 -0.50
C ALA A 290 8.05 -12.46 -0.43
N ASP A 291 7.44 -12.41 0.77
CA ASP A 291 6.18 -11.70 1.01
C ASP A 291 6.29 -10.22 0.70
N LYS A 292 7.48 -9.66 0.86
CA LYS A 292 7.69 -8.23 0.73
C LYS A 292 8.01 -7.79 -0.69
N MET A 293 8.21 -8.74 -1.59
CA MET A 293 8.53 -8.38 -2.98
C MET A 293 7.28 -7.88 -3.71
N VAL A 294 7.24 -6.59 -4.00
CA VAL A 294 6.07 -5.91 -4.59
C VAL A 294 6.06 -6.02 -6.11
N TYR A 295 4.90 -6.33 -6.68
CA TYR A 295 4.77 -6.38 -8.13
C TYR A 295 3.34 -6.06 -8.52
N SER A 296 3.12 -5.82 -9.81
CA SER A 296 1.78 -5.63 -10.32
C SER A 296 1.52 -6.62 -11.41
N SER A 297 0.26 -6.96 -11.61
CA SER A 297 -0.12 -7.81 -12.74
C SER A 297 -0.48 -6.94 -13.91
N THR A 298 -0.48 -7.54 -15.10
CA THR A 298 -0.75 -6.79 -16.32
C THR A 298 -1.82 -7.49 -17.12
N ASN A 299 -2.91 -6.77 -17.43
CA ASN A 299 -3.91 -7.28 -18.35
C ASN A 299 -3.70 -6.71 -19.74
N VAL A 300 -3.56 -7.61 -20.71
CA VAL A 300 -3.40 -7.22 -22.10
C VAL A 300 -4.70 -7.49 -22.83
N ILE A 301 -5.26 -6.44 -23.43
CA ILE A 301 -6.50 -6.55 -24.21
C ILE A 301 -6.22 -6.15 -25.66
N GLY A 302 -6.53 -7.05 -26.59
CA GLY A 302 -6.33 -6.79 -28.01
C GLY A 302 -7.65 -6.57 -28.72
N ILE A 303 -7.84 -5.35 -29.24
CA ILE A 303 -9.05 -5.03 -29.98
C ILE A 303 -8.74 -4.98 -31.49
N GLY A 304 -9.31 -5.92 -32.25
CA GLY A 304 -9.15 -5.94 -33.69
C GLY A 304 -10.26 -5.14 -34.34
N VAL A 305 -9.91 -4.28 -35.28
CA VAL A 305 -10.85 -3.30 -35.84
C VAL A 305 -10.90 -3.38 -37.37
N LYS A 306 -12.08 -3.34 -37.96
CA LYS A 306 -12.20 -3.29 -39.42
C LYS A 306 -11.69 -1.95 -39.97
N GLY A 307 -11.03 -2.01 -41.11
CA GLY A 307 -10.61 -0.81 -41.81
C GLY A 307 -9.20 -0.35 -41.54
N THR A 308 -9.06 0.94 -41.29
CA THR A 308 -7.76 1.56 -41.16
C THR A 308 -7.86 2.57 -40.02
N PRO A 309 -6.74 2.88 -39.36
CA PRO A 309 -6.89 3.79 -38.21
C PRO A 309 -7.17 5.20 -38.68
N PRO A 310 -7.83 6.00 -37.84
CA PRO A 310 -8.17 7.40 -38.12
C PRO A 310 -6.90 8.23 -38.37
N PRO A 311 -7.02 9.34 -39.11
CA PRO A 311 -5.84 10.11 -39.53
C PRO A 311 -4.90 10.47 -38.40
N HIS A 312 -5.44 10.79 -37.21
CA HIS A 312 -4.55 11.15 -36.11
C HIS A 312 -3.74 9.98 -35.52
N LEU A 313 -4.08 8.75 -35.91
CA LEU A 313 -3.33 7.58 -35.43
C LEU A 313 -2.52 6.88 -36.53
N LYS A 314 -2.50 7.48 -37.71
CA LYS A 314 -1.88 6.87 -38.88
C LYS A 314 -0.44 6.36 -38.66
N THR A 315 0.36 7.11 -37.90
CA THR A 315 1.77 6.76 -37.69
C THR A 315 2.10 6.75 -36.19
N ALA A 316 1.06 6.73 -35.36
CA ALA A 316 1.23 6.63 -33.92
C ALA A 316 1.78 5.26 -33.52
N CYS A 317 2.59 5.23 -32.47
CA CYS A 317 3.15 4.00 -31.95
C CYS A 317 2.44 3.59 -30.65
N TRP A 318 2.80 4.22 -29.55
CA TRP A 318 2.08 4.01 -28.30
C TRP A 318 1.66 5.30 -27.65
N LEU A 319 0.62 5.20 -26.83
CA LEU A 319 -0.08 6.35 -26.31
C LEU A 319 -0.33 6.15 -24.84
N TYR A 320 -0.26 7.23 -24.08
CA TYR A 320 -0.42 7.19 -22.62
C TYR A 320 -1.72 7.85 -22.20
N PHE A 321 -2.36 7.29 -21.18
CA PHE A 321 -3.65 7.79 -20.70
C PHE A 321 -3.69 7.92 -19.18
N PRO A 322 -3.33 9.11 -18.67
CA PRO A 322 -3.34 9.41 -17.24
C PRO A 322 -4.74 9.57 -16.64
N GLU A 323 -5.76 9.82 -17.46
CA GLU A 323 -7.07 10.17 -16.90
C GLU A 323 -7.97 8.96 -16.60
N ASP A 324 -8.98 9.17 -15.78
CA ASP A 324 -9.85 8.08 -15.33
C ASP A 324 -11.00 7.77 -16.31
N THR A 325 -10.94 8.36 -17.51
CA THR A 325 -11.93 8.07 -18.54
C THR A 325 -11.58 6.80 -19.32
N SER A 326 -10.45 6.19 -19.01
CA SER A 326 -10.08 4.91 -19.61
C SER A 326 -9.44 4.02 -18.55
N PRO A 327 -9.62 2.69 -18.63
CA PRO A 327 -8.95 1.88 -17.60
C PRO A 327 -7.51 1.55 -17.97
N PHE A 328 -7.15 1.68 -19.25
CA PHE A 328 -5.82 1.32 -19.68
C PHE A 328 -4.85 2.46 -19.48
N TYR A 329 -3.61 2.17 -19.10
CA TYR A 329 -2.58 3.22 -19.00
C TYR A 329 -1.89 3.46 -20.34
N ARG A 330 -1.90 2.45 -21.20
CA ARG A 330 -1.26 2.57 -22.50
C ARG A 330 -2.01 1.84 -23.59
N ALA A 331 -1.96 2.39 -24.80
CA ALA A 331 -2.48 1.72 -25.98
C ALA A 331 -1.40 1.75 -27.04
N THR A 332 -1.28 0.66 -27.78
CA THR A 332 -0.32 0.56 -28.85
C THR A 332 -1.09 0.31 -30.14
N VAL A 333 -0.82 1.09 -31.19
CA VAL A 333 -1.46 0.82 -32.47
C VAL A 333 -0.62 -0.27 -33.12
N PHE A 334 -0.85 -1.51 -32.70
CA PHE A 334 0.07 -2.62 -32.98
C PHE A 334 0.19 -2.91 -34.48
N SER A 335 -0.86 -2.60 -35.23
CA SER A 335 -0.83 -2.79 -36.67
C SER A 335 0.12 -1.80 -37.36
N ASN A 336 0.54 -0.76 -36.66
CA ASN A 336 1.51 0.16 -37.23
C ASN A 336 2.96 -0.31 -37.14
N TYR A 337 3.22 -1.40 -36.39
CA TYR A 337 4.57 -1.94 -36.29
C TYR A 337 4.81 -2.89 -37.45
N SER A 338 3.74 -3.56 -37.87
CA SER A 338 3.81 -4.41 -39.04
C SER A 338 2.43 -4.75 -39.60
N LYS A 339 2.34 -4.55 -40.91
CA LYS A 339 1.19 -4.91 -41.71
C LYS A 339 0.73 -6.34 -41.39
N TYR A 340 1.66 -7.22 -41.06
CA TYR A 340 1.30 -8.63 -40.86
C TYR A 340 0.74 -8.96 -39.47
N ASN A 341 0.71 -7.98 -38.57
CA ASN A 341 0.14 -8.20 -37.25
C ASN A 341 -1.38 -8.32 -37.30
N VAL A 342 -1.96 -7.94 -38.42
CA VAL A 342 -3.41 -8.06 -38.60
C VAL A 342 -3.75 -8.69 -39.94
N PRO A 343 -4.97 -9.25 -40.07
CA PRO A 343 -5.46 -9.67 -41.38
C PRO A 343 -5.71 -8.44 -42.26
N GLU A 344 -5.53 -8.59 -43.58
CA GLU A 344 -5.69 -7.47 -44.50
C GLU A 344 -7.05 -6.78 -44.28
N GLY A 345 -7.05 -5.47 -44.38
CA GLY A 345 -8.28 -4.70 -44.23
C GLY A 345 -8.68 -4.46 -42.78
N HIS A 346 -7.70 -4.46 -41.89
CA HIS A 346 -7.98 -4.28 -40.47
C HIS A 346 -6.84 -3.53 -39.83
N TRP A 347 -7.08 -3.06 -38.60
CA TRP A 347 -6.03 -2.53 -37.76
C TRP A 347 -6.30 -2.97 -36.32
N SER A 348 -5.42 -2.61 -35.39
CA SER A 348 -5.55 -3.11 -34.03
C SER A 348 -5.02 -2.17 -32.96
N LEU A 349 -5.62 -2.26 -31.78
CA LEU A 349 -5.18 -1.55 -30.59
C LEU A 349 -4.85 -2.60 -29.53
N MET A 350 -3.67 -2.49 -28.95
CA MET A 350 -3.28 -3.38 -27.88
C MET A 350 -3.26 -2.56 -26.58
N LEU A 351 -4.17 -2.89 -25.67
CA LEU A 351 -4.38 -2.09 -24.46
C LEU A 351 -3.79 -2.76 -23.22
N GLU A 352 -3.30 -1.97 -22.28
CA GLU A 352 -2.71 -2.48 -21.03
C GLU A 352 -3.39 -1.91 -19.80
N VAL A 353 -3.85 -2.80 -18.92
CA VAL A 353 -4.51 -2.40 -17.68
C VAL A 353 -3.80 -3.07 -16.52
N SER A 354 -3.24 -2.26 -15.63
CA SER A 354 -2.51 -2.79 -14.49
C SER A 354 -3.45 -3.31 -13.40
N GLU A 355 -2.94 -4.15 -12.51
CA GLU A 355 -3.77 -4.74 -11.48
C GLU A 355 -2.90 -5.11 -10.29
N SER A 356 -3.39 -4.89 -9.07
CA SER A 356 -2.65 -5.28 -7.87
C SER A 356 -3.59 -5.28 -6.67
N LYS A 357 -3.03 -5.45 -5.48
CA LYS A 357 -3.81 -5.37 -4.25
C LYS A 357 -4.33 -3.94 -4.03
N TYR A 358 -3.58 -2.95 -4.53
CA TYR A 358 -4.00 -1.54 -4.38
C TYR A 358 -5.01 -1.14 -5.42
N LYS A 359 -5.11 -1.92 -6.49
CA LYS A 359 -5.85 -1.53 -7.68
C LYS A 359 -6.50 -2.74 -8.31
N PRO A 360 -7.61 -3.16 -7.75
CA PRO A 360 -8.33 -4.36 -8.21
C PRO A 360 -8.99 -4.10 -9.58
N VAL A 361 -9.29 -5.19 -10.28
CA VAL A 361 -9.90 -5.12 -11.60
C VAL A 361 -11.12 -6.03 -11.67
N ASN A 362 -12.23 -5.50 -12.17
CA ASN A 362 -13.42 -6.30 -12.44
C ASN A 362 -13.27 -6.95 -13.80
N HIS A 363 -12.85 -8.22 -13.82
CA HIS A 363 -12.51 -8.89 -15.06
C HIS A 363 -13.69 -9.18 -15.97
N SER A 364 -14.88 -9.29 -15.37
CA SER A 364 -16.06 -9.62 -16.17
C SER A 364 -16.49 -8.41 -17.01
N THR A 365 -16.15 -7.20 -16.58
CA THR A 365 -16.48 -6.01 -17.34
C THR A 365 -15.30 -5.35 -18.06
N LEU A 366 -14.10 -5.91 -17.93
CA LEU A 366 -12.86 -5.26 -18.38
C LEU A 366 -12.82 -4.92 -19.87
N ILE A 367 -13.12 -5.90 -20.72
CA ILE A 367 -13.10 -5.68 -22.15
C ILE A 367 -14.08 -4.56 -22.55
N GLU A 368 -15.32 -4.66 -22.09
CA GLU A 368 -16.30 -3.63 -22.39
C GLU A 368 -15.86 -2.27 -21.82
N ASP A 369 -15.31 -2.24 -20.61
CA ASP A 369 -14.74 -1.00 -20.07
C ASP A 369 -13.60 -0.45 -20.93
N CYS A 370 -12.76 -1.32 -21.47
CA CYS A 370 -11.70 -0.86 -22.37
C CYS A 370 -12.28 -0.20 -23.63
N ILE A 371 -13.35 -0.80 -24.15
CA ILE A 371 -13.96 -0.27 -25.36
C ILE A 371 -14.59 1.08 -25.07
N VAL A 372 -15.27 1.20 -23.92
CA VAL A 372 -15.82 2.48 -23.51
C VAL A 372 -14.72 3.52 -23.33
N GLY A 373 -13.59 3.09 -22.76
CA GLY A 373 -12.43 3.94 -22.63
C GLY A 373 -11.85 4.39 -23.98
N CYS A 374 -11.85 3.50 -24.97
CA CYS A 374 -11.38 3.85 -26.31
C CYS A 374 -12.28 4.92 -26.92
N LEU A 375 -13.59 4.77 -26.77
CA LEU A 375 -14.55 5.76 -27.28
C LEU A 375 -14.33 7.10 -26.61
N ALA A 376 -14.09 7.07 -25.29
CA ALA A 376 -13.93 8.33 -24.55
C ALA A 376 -12.55 8.97 -24.76
N SER A 377 -11.63 8.22 -25.37
CA SER A 377 -10.25 8.69 -25.52
C SER A 377 -9.81 8.85 -26.96
N ASN A 378 -10.77 8.93 -27.88
CA ASN A 378 -10.39 9.22 -29.26
C ASN A 378 -9.62 8.10 -29.92
N LEU A 379 -9.87 6.85 -29.53
CA LEU A 379 -9.23 5.73 -30.20
C LEU A 379 -10.20 5.03 -31.12
N LEU A 380 -11.47 5.02 -30.73
CA LEU A 380 -12.50 4.36 -31.52
C LEU A 380 -13.71 5.27 -31.64
N LEU A 381 -14.49 5.07 -32.69
CA LEU A 381 -15.74 5.78 -32.89
C LEU A 381 -16.90 4.80 -32.76
N PRO A 382 -18.10 5.30 -32.47
CA PRO A 382 -19.25 4.41 -32.27
C PRO A 382 -19.47 3.48 -33.45
N GLU A 383 -19.09 3.91 -34.65
CA GLU A 383 -19.37 3.10 -35.85
C GLU A 383 -18.28 2.08 -36.18
N ASP A 384 -17.20 2.05 -35.39
CA ASP A 384 -16.13 1.07 -35.64
C ASP A 384 -16.62 -0.36 -35.45
N LEU A 385 -16.13 -1.26 -36.30
CA LEU A 385 -16.55 -2.66 -36.26
C LEU A 385 -15.45 -3.54 -35.66
N LEU A 386 -15.73 -4.11 -34.49
CA LEU A 386 -14.73 -4.91 -33.76
C LEU A 386 -14.81 -6.39 -34.11
N VAL A 387 -13.71 -6.97 -34.57
CA VAL A 387 -13.69 -8.37 -34.99
C VAL A 387 -12.92 -9.27 -34.05
N SER A 388 -12.12 -8.69 -33.18
CA SER A 388 -11.41 -9.48 -32.19
C SER A 388 -11.34 -8.75 -30.85
N LYS A 389 -11.55 -9.52 -29.78
CA LYS A 389 -11.44 -9.02 -28.41
C LYS A 389 -10.61 -10.01 -27.60
N TRP A 390 -9.31 -9.90 -27.75
CA TRP A 390 -8.39 -10.85 -27.13
C TRP A 390 -8.00 -10.36 -25.74
N HIS A 391 -7.72 -11.28 -24.82
CA HIS A 391 -7.36 -10.88 -23.47
C HIS A 391 -6.40 -11.89 -22.87
N TYR A 392 -5.49 -11.38 -22.03
CA TYR A 392 -4.43 -12.19 -21.49
C TYR A 392 -3.95 -11.52 -20.22
N ARG A 393 -3.96 -12.28 -19.12
CA ARG A 393 -3.56 -11.71 -17.83
C ARG A 393 -2.22 -12.27 -17.37
N ILE A 394 -1.27 -11.38 -17.15
CA ILE A 394 0.04 -11.75 -16.64
C ILE A 394 0.07 -11.55 -15.12
N GLU A 395 0.24 -12.61 -14.34
CA GLU A 395 0.31 -12.43 -12.89
C GLU A 395 1.48 -11.52 -12.47
N LYS A 396 2.66 -11.80 -13.02
CA LYS A 396 3.81 -10.96 -12.69
C LYS A 396 4.25 -10.12 -13.89
N GLY A 397 3.81 -8.86 -13.92
CA GLY A 397 4.05 -7.99 -15.07
C GLY A 397 5.20 -7.04 -14.85
N TYR A 398 5.13 -6.24 -13.79
CA TYR A 398 6.18 -5.28 -13.48
C TYR A 398 6.77 -5.56 -12.12
N PRO A 399 8.09 -5.65 -12.04
CA PRO A 399 8.73 -5.70 -10.72
C PRO A 399 8.85 -4.29 -10.17
N THR A 400 7.98 -3.94 -9.24
CA THR A 400 7.94 -2.58 -8.70
C THR A 400 9.26 -2.20 -8.07
N PRO A 401 9.80 -1.03 -8.43
CA PRO A 401 11.00 -0.59 -7.70
C PRO A 401 10.59 0.03 -6.37
N PHE A 402 10.19 -0.84 -5.44
CA PHE A 402 9.62 -0.44 -4.16
C PHE A 402 10.72 -0.10 -3.17
N ILE A 403 10.36 0.77 -2.21
CA ILE A 403 11.30 1.21 -1.20
C ILE A 403 11.71 0.03 -0.35
N GLY A 404 13.02 -0.21 -0.29
CA GLY A 404 13.53 -1.35 0.45
C GLY A 404 13.95 -2.53 -0.43
N ARG A 405 13.71 -2.42 -1.74
CA ARG A 405 13.98 -3.52 -2.68
C ARG A 405 15.43 -4.03 -2.66
N ASN A 406 16.38 -3.11 -2.81
CA ASN A 406 17.78 -3.50 -2.81
C ASN A 406 18.22 -4.20 -1.51
N ASN A 407 17.79 -3.66 -0.37
CA ASN A 407 18.09 -4.26 0.93
CA ASN A 407 18.15 -4.28 0.89
C ASN A 407 17.61 -5.72 1.01
N LEU A 408 16.37 -5.94 0.57
CA LEU A 408 15.82 -7.29 0.57
C LEU A 408 16.61 -8.20 -0.35
N LEU A 409 16.90 -7.72 -1.56
CA LEU A 409 17.66 -8.50 -2.52
C LEU A 409 19.04 -8.87 -1.98
N GLU A 410 19.72 -7.91 -1.34
CA GLU A 410 21.07 -8.13 -0.86
C GLU A 410 21.10 -9.13 0.30
N LYS A 411 19.94 -9.41 0.90
CA LYS A 411 19.87 -10.36 2.00
C LYS A 411 19.93 -11.82 1.54
N ALA A 412 19.56 -12.09 0.28
CA ALA A 412 19.52 -13.48 -0.21
C ALA A 412 20.36 -13.75 -1.45
N GLN A 413 20.49 -12.77 -2.33
CA GLN A 413 21.17 -12.96 -3.61
C GLN A 413 22.64 -13.42 -3.47
N PRO A 414 23.41 -12.81 -2.57
CA PRO A 414 24.79 -13.28 -2.45
C PRO A 414 24.87 -14.68 -1.85
N GLU A 415 23.93 -15.01 -0.97
CA GLU A 415 23.87 -16.36 -0.41
C GLU A 415 23.47 -17.40 -1.46
N LEU A 416 22.54 -17.04 -2.34
CA LEU A 416 22.17 -17.95 -3.42
C LEU A 416 23.36 -18.16 -4.35
N MET A 417 24.03 -17.09 -4.72
CA MET A 417 25.15 -17.16 -5.65
C MET A 417 26.32 -17.98 -5.07
N SER A 418 26.64 -17.78 -3.80
CA SER A 418 27.72 -18.54 -3.17
C SER A 418 27.40 -20.03 -3.18
N ARG A 419 26.16 -20.37 -3.49
CA ARG A 419 25.77 -21.77 -3.58
C ARG A 419 25.43 -22.16 -5.03
N CYS A 420 25.96 -21.36 -5.96
CA CYS A 420 25.85 -21.65 -7.38
C CYS A 420 24.44 -21.45 -7.96
N ILE A 421 23.57 -20.76 -7.23
CA ILE A 421 22.24 -20.42 -7.78
C ILE A 421 22.21 -18.95 -8.22
N TYR A 422 22.13 -18.72 -9.53
CA TYR A 422 22.09 -17.36 -10.08
C TYR A 422 20.67 -16.97 -10.46
N SER A 423 20.07 -16.06 -9.68
CA SER A 423 18.69 -15.60 -9.93
C SER A 423 18.70 -14.28 -10.73
N ARG A 424 18.27 -14.35 -11.99
CA ARG A 424 18.49 -13.25 -12.93
C ARG A 424 17.28 -13.00 -13.82
N GLY A 425 17.21 -11.80 -14.38
CA GLY A 425 16.13 -11.45 -15.29
C GLY A 425 15.16 -10.48 -14.66
N ARG A 426 14.05 -10.22 -15.37
CA ARG A 426 13.15 -9.15 -14.96
C ARG A 426 12.58 -9.42 -13.57
N PHE A 427 12.07 -10.62 -13.35
CA PHE A 427 11.62 -11.01 -12.01
C PHE A 427 12.63 -11.88 -11.25
N GLY A 428 13.61 -12.46 -11.94
CA GLY A 428 14.64 -13.23 -11.26
C GLY A 428 15.56 -12.33 -10.44
N ALA A 429 15.89 -11.16 -10.99
CA ALA A 429 16.67 -10.16 -10.26
C ALA A 429 15.77 -9.05 -9.70
N TRP A 430 14.57 -8.93 -10.25
CA TRP A 430 13.58 -7.97 -9.75
C TRP A 430 14.01 -6.50 -9.90
N ARG A 431 14.84 -6.20 -10.90
CA ARG A 431 15.29 -4.82 -11.11
C ARG A 431 14.72 -4.23 -12.40
N TYR A 432 13.66 -3.44 -12.23
CA TYR A 432 12.97 -2.84 -13.35
C TYR A 432 13.89 -2.02 -14.26
N GLU A 433 14.82 -1.28 -13.68
CA GLU A 433 15.62 -0.35 -14.46
C GLU A 433 16.56 -1.11 -15.42
N VAL A 434 16.77 -2.40 -15.17
CA VAL A 434 17.43 -3.25 -16.15
C VAL A 434 16.51 -4.42 -16.46
N GLY A 435 15.28 -4.08 -16.81
CA GLY A 435 14.22 -5.06 -16.96
C GLY A 435 13.70 -5.28 -18.38
N ASN A 436 14.30 -4.61 -19.36
CA ASN A 436 13.92 -4.82 -20.76
C ASN A 436 14.56 -6.08 -21.37
N GLN A 437 14.22 -6.35 -22.63
CA GLN A 437 14.70 -7.53 -23.32
C GLN A 437 16.22 -7.56 -23.46
N ASP A 438 16.83 -6.45 -23.83
CA ASP A 438 18.27 -6.44 -23.98
C ASP A 438 18.96 -6.65 -22.63
N HIS A 439 18.49 -5.95 -21.60
CA HIS A 439 19.01 -6.11 -20.25
C HIS A 439 18.93 -7.57 -19.81
N SER A 440 17.75 -8.15 -20.00
CA SER A 440 17.47 -9.50 -19.54
C SER A 440 18.38 -10.49 -20.23
N PHE A 441 18.36 -10.44 -21.56
CA PHE A 441 19.22 -11.29 -22.37
C PHE A 441 20.67 -11.20 -21.88
N MET A 442 21.16 -9.98 -21.68
CA MET A 442 22.54 -9.78 -21.28
C MET A 442 22.82 -10.21 -19.84
N GLN A 443 21.80 -10.21 -18.99
CA GLN A 443 21.97 -10.75 -17.64
C GLN A 443 22.27 -12.25 -17.72
N GLY A 444 21.64 -12.93 -18.68
CA GLY A 444 21.92 -14.33 -18.91
C GLY A 444 23.32 -14.52 -19.45
N VAL A 445 23.71 -13.68 -20.41
CA VAL A 445 25.04 -13.80 -21.01
C VAL A 445 26.10 -13.58 -19.95
N GLU A 446 25.92 -12.52 -19.17
CA GLU A 446 26.87 -12.13 -18.13
C GLU A 446 26.97 -13.14 -17.00
N ALA A 447 25.84 -13.77 -16.66
CA ALA A 447 25.85 -14.79 -15.61
C ALA A 447 26.73 -15.98 -16.02
N ILE A 448 26.59 -16.39 -17.28
CA ILE A 448 27.41 -17.46 -17.84
C ILE A 448 28.89 -17.06 -17.78
N ASP A 449 29.19 -15.82 -18.17
CA ASP A 449 30.57 -15.34 -18.11
C ASP A 449 31.11 -15.41 -16.69
N HIS A 450 30.27 -15.14 -15.71
CA HIS A 450 30.72 -15.13 -14.32
C HIS A 450 30.97 -16.56 -13.85
N VAL A 451 30.01 -17.42 -14.16
CA VAL A 451 30.08 -18.83 -13.82
C VAL A 451 31.34 -19.50 -14.40
N LEU A 452 31.68 -19.17 -15.64
CA LEU A 452 32.81 -19.81 -16.33
C LEU A 452 34.13 -19.09 -16.09
N GLY A 453 34.11 -18.10 -15.21
CA GLY A 453 35.31 -17.37 -14.84
C GLY A 453 35.87 -16.44 -15.89
N LEU A 454 35.06 -16.12 -16.91
CA LEU A 454 35.48 -15.17 -17.95
C LEU A 454 35.36 -13.73 -17.45
N ALA A 455 34.51 -13.53 -16.44
CA ALA A 455 34.31 -12.22 -15.89
C ALA A 455 34.27 -12.30 -14.36
N THR A 456 34.69 -11.23 -13.73
CA THR A 456 34.77 -11.16 -12.28
C THR A 456 33.50 -10.56 -11.67
N GLU A 457 32.69 -9.89 -12.51
CA GLU A 457 31.45 -9.26 -12.05
C GLU A 457 30.36 -9.28 -13.12
N GLU A 458 29.11 -9.11 -12.71
CA GLU A 458 28.00 -9.00 -13.65
C GLU A 458 27.47 -7.58 -13.71
N THR A 459 27.88 -6.85 -14.73
CA THR A 459 27.65 -5.40 -14.82
C THR A 459 26.19 -4.99 -14.83
N THR A 460 25.39 -5.60 -15.70
CA THR A 460 24.01 -5.21 -15.87
C THR A 460 23.17 -5.34 -14.60
N VAL A 461 23.18 -6.52 -13.99
CA VAL A 461 22.37 -6.76 -12.79
C VAL A 461 22.90 -6.01 -11.55
N ALA A 462 24.17 -5.65 -11.56
CA ALA A 462 24.79 -5.05 -10.36
C ALA A 462 24.98 -3.54 -10.45
N ASN A 463 25.16 -3.02 -11.65
CA ASN A 463 25.36 -1.60 -11.89
C ASN A 463 24.44 -1.08 -12.98
N PRO A 464 23.15 -0.88 -12.65
CA PRO A 464 22.16 -0.37 -13.62
C PRO A 464 22.61 0.96 -14.21
N GLY A 465 23.17 1.84 -13.37
CA GLY A 465 23.64 3.14 -13.81
C GLY A 465 24.70 3.10 -14.90
N ARG A 466 25.68 2.20 -14.74
CA ARG A 466 26.79 2.09 -15.70
C ARG A 466 26.30 1.61 -17.07
N VAL A 467 25.53 0.53 -17.07
CA VAL A 467 25.04 -0.06 -18.32
C VAL A 467 24.16 0.89 -19.13
N ASN A 468 23.28 1.63 -18.47
CA ASN A 468 22.35 2.53 -19.15
C ASN A 468 22.93 3.90 -19.50
N GLY A 469 24.14 4.17 -19.04
CA GLY A 469 24.80 5.43 -19.31
C GLY A 469 25.75 5.34 -20.49
N THR A 470 26.16 4.12 -20.82
CA THR A 470 27.07 3.88 -21.94
C THR A 470 26.45 2.89 -22.92
N ARG A 471 27.27 2.38 -23.84
CA ARG A 471 26.87 1.29 -24.70
C ARG A 471 27.99 0.23 -24.74
N ALA A 472 27.64 -1.02 -24.46
CA ALA A 472 28.61 -2.11 -24.49
C ALA A 472 29.00 -2.35 -25.94
N THR A 473 30.29 -2.55 -26.18
CA THR A 473 30.82 -2.58 -27.55
C THR A 473 31.16 -3.96 -28.09
N THR A 474 31.24 -4.97 -27.21
CA THR A 474 31.72 -6.28 -27.67
C THR A 474 30.67 -7.02 -28.52
N HIS A 475 31.14 -7.61 -29.62
CA HIS A 475 30.30 -8.29 -30.60
C HIS A 475 29.95 -9.73 -30.24
N PHE A 476 28.89 -10.22 -30.89
CA PHE A 476 28.46 -11.61 -30.79
C PHE A 476 29.06 -12.38 -31.95
N GLY A 477 29.89 -13.37 -31.62
CA GLY A 477 30.71 -14.07 -32.61
C GLY A 477 30.00 -14.89 -33.68
N LEU A 478 28.78 -15.34 -33.43
CA LEU A 478 28.09 -16.20 -34.39
C LEU A 478 27.43 -15.43 -35.54
N LEU A 479 27.50 -14.10 -35.50
CA LEU A 479 27.00 -13.30 -36.61
C LEU A 479 28.08 -13.18 -37.69
N THR B 9 -44.00 2.43 14.53
CA THR B 9 -43.39 1.45 15.42
C THR B 9 -42.61 0.33 14.70
N PRO B 10 -41.66 0.70 13.83
CA PRO B 10 -40.86 -0.33 13.14
C PRO B 10 -40.00 -1.11 14.14
N LYS B 11 -39.65 -2.35 13.80
CA LYS B 11 -38.79 -3.15 14.66
C LYS B 11 -37.33 -2.78 14.43
N ILE B 12 -36.68 -2.33 15.49
CA ILE B 12 -35.27 -1.92 15.42
C ILE B 12 -34.37 -2.98 16.05
N VAL B 13 -33.42 -3.47 15.28
CA VAL B 13 -32.46 -4.45 15.76
C VAL B 13 -31.06 -3.85 15.81
N ILE B 14 -30.38 -3.98 16.96
CA ILE B 14 -29.00 -3.53 17.09
C ILE B 14 -28.05 -4.73 17.13
N ILE B 15 -26.98 -4.67 16.33
CA ILE B 15 -25.93 -5.67 16.40
C ILE B 15 -24.66 -5.10 17.02
N GLY B 16 -24.29 -5.61 18.19
CA GLY B 16 -23.10 -5.15 18.88
C GLY B 16 -23.43 -4.35 20.14
N ALA B 17 -22.75 -4.68 21.23
CA ALA B 17 -22.96 -3.96 22.47
C ALA B 17 -21.67 -3.28 22.90
N GLY B 18 -20.97 -2.69 21.94
CA GLY B 18 -19.92 -1.73 22.25
C GLY B 18 -20.60 -0.40 22.60
N PRO B 19 -19.81 0.65 22.81
CA PRO B 19 -20.42 1.96 23.07
C PRO B 19 -21.47 2.35 22.02
N THR B 20 -21.25 2.07 20.74
CA THR B 20 -22.19 2.54 19.72
C THR B 20 -23.55 1.87 19.85
N GLY B 21 -23.56 0.55 19.95
CA GLY B 21 -24.81 -0.17 20.09
C GLY B 21 -25.49 0.14 21.42
N LEU B 22 -24.67 0.31 22.45
CA LEU B 22 -25.23 0.66 23.74
C LEU B 22 -25.81 2.08 23.70
N GLY B 23 -25.19 2.96 22.93
CA GLY B 23 -25.72 4.30 22.74
C GLY B 23 -27.11 4.20 22.14
N ALA B 24 -27.28 3.34 21.15
CA ALA B 24 -28.59 3.15 20.53
C ALA B 24 -29.60 2.56 21.52
N ALA B 25 -29.17 1.57 22.31
CA ALA B 25 -30.06 0.94 23.30
C ALA B 25 -30.49 1.92 24.40
N VAL B 26 -29.55 2.72 24.89
CA VAL B 26 -29.87 3.74 25.87
C VAL B 26 -30.88 4.72 25.30
N ARG B 27 -30.66 5.20 24.08
CA ARG B 27 -31.58 6.16 23.51
C ARG B 27 -32.99 5.57 23.39
N LEU B 28 -33.10 4.37 22.83
CA LEU B 28 -34.38 3.72 22.72
C LEU B 28 -35.02 3.57 24.10
N THR B 29 -34.23 3.22 25.11
CA THR B 29 -34.75 3.02 26.44
C THR B 29 -35.29 4.34 27.01
N GLU B 30 -34.54 5.42 26.81
CA GLU B 30 -34.93 6.74 27.28
C GLU B 30 -36.26 7.16 26.65
N LEU B 31 -36.50 6.74 25.41
CA LEU B 31 -37.73 7.07 24.70
C LEU B 31 -38.89 6.14 25.07
N GLY B 32 -38.60 5.13 25.88
CA GLY B 32 -39.60 4.15 26.24
C GLY B 32 -40.02 3.29 25.06
N TYR B 33 -39.17 3.23 24.04
CA TYR B 33 -39.46 2.45 22.84
C TYR B 33 -39.44 0.96 23.18
N LYS B 34 -40.37 0.20 22.61
CA LYS B 34 -40.50 -1.20 22.99
C LYS B 34 -40.05 -2.20 21.93
N ASN B 35 -40.22 -1.84 20.66
CA ASN B 35 -40.02 -2.78 19.58
C ASN B 35 -38.56 -2.81 19.08
N TRP B 36 -37.67 -3.22 19.97
CA TRP B 36 -36.26 -3.31 19.63
C TRP B 36 -35.58 -4.46 20.36
N HIS B 37 -34.41 -4.85 19.84
CA HIS B 37 -33.59 -5.87 20.47
C HIS B 37 -32.13 -5.64 20.11
N LEU B 38 -31.25 -5.92 21.06
CA LEU B 38 -29.82 -5.83 20.83
C LEU B 38 -29.18 -7.21 20.91
N TYR B 39 -28.39 -7.58 19.91
CA TYR B 39 -27.62 -8.82 19.91
C TYR B 39 -26.11 -8.57 20.01
N GLU B 40 -25.45 -9.30 20.90
CA GLU B 40 -24.00 -9.22 21.07
C GLU B 40 -23.46 -10.65 21.23
N CYS B 41 -22.36 -10.97 20.57
CA CYS B 41 -21.83 -12.33 20.63
C CYS B 41 -20.88 -12.58 21.82
N ASN B 42 -20.24 -11.53 22.32
CA ASN B 42 -19.50 -11.64 23.57
C ASN B 42 -20.45 -11.73 24.77
N ASP B 43 -19.96 -12.26 25.89
CA ASP B 43 -20.76 -12.39 27.10
C ASP B 43 -20.86 -11.05 27.81
N THR B 44 -19.96 -10.16 27.44
CA THR B 44 -19.72 -8.95 28.20
C THR B 44 -19.84 -7.73 27.28
N PRO B 45 -20.46 -6.64 27.77
CA PRO B 45 -20.60 -5.44 26.94
C PRO B 45 -19.31 -4.62 26.91
N GLY B 46 -19.13 -3.79 25.88
CA GLY B 46 -18.05 -2.84 25.88
C GLY B 46 -17.15 -2.87 24.65
N GLY B 47 -17.14 -4.01 23.96
CA GLY B 47 -16.28 -4.18 22.79
C GLY B 47 -14.84 -3.80 23.07
N LEU B 48 -14.32 -2.84 22.31
CA LEU B 48 -12.94 -2.37 22.48
C LEU B 48 -12.76 -1.59 23.80
N SER B 49 -13.86 -1.25 24.45
CA SER B 49 -13.80 -0.50 25.70
C SER B 49 -14.09 -1.40 26.91
N ARG B 50 -13.84 -2.70 26.76
CA ARG B 50 -13.94 -3.63 27.88
C ARG B 50 -12.69 -3.60 28.75
N SER B 51 -12.79 -4.20 29.93
CA SER B 51 -11.67 -4.32 30.84
C SER B 51 -11.60 -5.76 31.32
N PHE B 52 -10.43 -6.14 31.79
CA PHE B 52 -10.20 -7.50 32.25
C PHE B 52 -9.50 -7.47 33.60
N LEU B 53 -9.86 -8.39 34.47
CA LEU B 53 -9.17 -8.54 35.74
C LEU B 53 -8.33 -9.81 35.66
N ASP B 54 -7.01 -9.71 35.81
CA ASP B 54 -6.17 -10.90 35.68
C ASP B 54 -6.06 -11.68 36.98
N GLU B 55 -5.36 -12.81 36.94
CA GLU B 55 -5.29 -13.73 38.07
C GLU B 55 -4.57 -13.13 39.26
N ASN B 56 -3.77 -12.08 39.01
CA ASN B 56 -3.03 -11.44 40.08
C ASN B 56 -3.65 -10.16 40.64
N GLY B 57 -4.91 -9.91 40.31
CA GLY B 57 -5.59 -8.71 40.81
C GLY B 57 -5.36 -7.44 40.00
N PHE B 58 -4.77 -7.55 38.81
CA PHE B 58 -4.53 -6.37 37.97
C PHE B 58 -5.67 -6.19 36.99
N THR B 59 -6.20 -4.96 36.95
CA THR B 59 -7.18 -4.58 35.95
C THR B 59 -6.44 -4.13 34.69
N TRP B 60 -6.95 -4.45 33.51
CA TRP B 60 -6.36 -3.96 32.28
C TRP B 60 -7.46 -3.46 31.33
N ASP B 61 -7.17 -2.37 30.63
CA ASP B 61 -8.02 -1.91 29.54
C ASP B 61 -7.37 -2.41 28.25
N LEU B 62 -8.06 -2.28 27.13
CA LEU B 62 -7.52 -2.63 25.84
C LEU B 62 -6.75 -1.44 25.26
N GLY B 63 -5.62 -1.14 25.90
CA GLY B 63 -4.87 0.04 25.54
C GLY B 63 -5.38 1.23 26.33
N GLY B 64 -4.65 2.33 26.28
CA GLY B 64 -5.00 3.52 27.03
C GLY B 64 -6.37 4.09 26.68
N HIS B 65 -7.33 3.95 27.58
CA HIS B 65 -8.65 4.54 27.40
C HIS B 65 -8.91 5.58 28.47
N VAL B 66 -9.14 6.82 28.05
CA VAL B 66 -9.59 7.86 28.98
C VAL B 66 -10.84 8.51 28.40
N ILE B 67 -11.71 8.95 29.31
CA ILE B 67 -12.99 9.51 28.91
C ILE B 67 -12.87 11.02 28.77
N PHE B 68 -13.19 11.53 27.57
CA PHE B 68 -13.23 12.97 27.36
C PHE B 68 -14.29 13.34 26.33
N SER B 69 -15.38 13.91 26.82
CA SER B 69 -16.60 13.97 26.03
C SER B 69 -16.77 15.26 25.27
N HIS B 70 -17.21 15.13 24.02
CA HIS B 70 -17.64 16.28 23.25
C HIS B 70 -19.13 16.59 23.44
N TYR B 71 -19.79 15.90 24.36
CA TYR B 71 -21.25 15.96 24.41
C TYR B 71 -21.78 15.96 25.84
N GLN B 72 -22.68 16.90 26.15
CA GLN B 72 -23.31 16.91 27.46
C GLN B 72 -24.11 15.64 27.68
N TYR B 73 -24.80 15.20 26.63
CA TYR B 73 -25.62 14.00 26.73
C TYR B 73 -24.78 12.82 27.21
N PHE B 74 -23.63 12.60 26.58
CA PHE B 74 -22.76 11.49 26.96
C PHE B 74 -22.26 11.70 28.38
N ASP B 75 -21.96 12.96 28.73
CA ASP B 75 -21.55 13.29 30.09
C ASP B 75 -22.60 12.87 31.12
N ASP B 76 -23.86 13.14 30.80
CA ASP B 76 -24.97 12.76 31.68
C ASP B 76 -25.07 11.23 31.80
N VAL B 77 -24.90 10.53 30.68
CA VAL B 77 -24.90 9.06 30.69
C VAL B 77 -23.76 8.50 31.57
N MET B 78 -22.56 9.06 31.45
CA MET B 78 -21.45 8.67 32.32
C MET B 78 -21.81 8.80 33.82
N ASP B 79 -22.39 9.95 34.19
CA ASP B 79 -22.76 10.22 35.58
C ASP B 79 -23.85 9.29 36.09
N TRP B 80 -24.77 8.94 35.19
CA TRP B 80 -25.88 8.05 35.50
C TRP B 80 -25.43 6.61 35.69
N ALA B 81 -24.42 6.21 34.92
CA ALA B 81 -23.99 4.83 34.90
C ALA B 81 -22.99 4.55 36.03
N VAL B 82 -22.09 5.50 36.24
CA VAL B 82 -21.02 5.28 37.20
C VAL B 82 -20.96 6.38 38.24
N GLN B 83 -20.99 5.98 39.50
CA GLN B 83 -20.68 6.88 40.59
C GLN B 83 -19.30 6.46 41.06
N GLY B 84 -18.39 7.41 41.12
CA GLY B 84 -17.01 7.09 41.46
C GLY B 84 -16.12 7.29 40.26
N TRP B 85 -15.75 8.55 40.03
CA TRP B 85 -14.87 8.93 38.93
C TRP B 85 -13.66 9.68 39.46
N ASN B 86 -12.51 9.46 38.85
CA ASN B 86 -11.39 10.36 39.03
C ASN B 86 -11.27 11.33 37.86
N VAL B 87 -11.04 12.59 38.15
CA VAL B 87 -10.82 13.58 37.11
C VAL B 87 -9.36 13.95 37.15
N LEU B 88 -8.69 13.88 36.01
CA LEU B 88 -7.24 14.10 36.00
C LEU B 88 -6.78 15.10 34.97
N GLN B 89 -5.73 15.82 35.33
CA GLN B 89 -5.05 16.69 34.41
C GLN B 89 -4.03 15.82 33.69
N ARG B 90 -4.10 15.80 32.36
CA ARG B 90 -3.21 14.97 31.55
C ARG B 90 -1.76 15.33 31.77
N GLU B 91 -0.94 14.33 32.03
CA GLU B 91 0.49 14.55 32.06
C GLU B 91 1.13 13.52 31.15
N SER B 92 1.38 13.91 29.92
CA SER B 92 1.92 12.95 28.97
C SER B 92 3.21 13.48 28.37
N TRP B 93 4.08 12.56 27.98
CA TRP B 93 5.43 12.90 27.56
C TRP B 93 5.87 12.06 26.37
N VAL B 94 6.94 12.52 25.73
CA VAL B 94 7.56 11.80 24.63
C VAL B 94 9.00 11.49 24.99
N TRP B 95 9.36 10.21 24.94
CA TRP B 95 10.75 9.79 25.17
C TRP B 95 11.50 9.75 23.85
N VAL B 96 12.44 10.68 23.69
CA VAL B 96 13.09 10.86 22.41
C VAL B 96 14.42 11.60 22.57
N ARG B 97 15.44 11.12 21.86
CA ARG B 97 16.78 11.71 21.94
C ARG B 97 17.26 11.82 23.38
N GLY B 98 16.90 10.83 24.19
CA GLY B 98 17.35 10.74 25.56
C GLY B 98 16.70 11.73 26.50
N ARG B 99 15.61 12.35 26.06
CA ARG B 99 14.90 13.33 26.89
C ARG B 99 13.41 13.02 26.98
N TRP B 100 12.81 13.43 28.08
CA TRP B 100 11.36 13.47 28.19
C TRP B 100 10.87 14.82 27.67
N VAL B 101 10.17 14.81 26.54
CA VAL B 101 9.65 16.03 25.94
C VAL B 101 8.14 16.08 26.19
N PRO B 102 7.64 17.19 26.72
CA PRO B 102 6.20 17.30 27.00
C PRO B 102 5.39 17.16 25.71
N TYR B 103 4.26 16.45 25.78
CA TYR B 103 3.32 16.40 24.67
C TYR B 103 2.63 17.76 24.51
N PRO B 104 2.41 18.20 23.26
CA PRO B 104 2.80 17.53 22.02
C PRO B 104 4.26 17.80 21.70
N PHE B 105 4.92 16.82 21.09
CA PHE B 105 6.32 16.94 20.76
C PHE B 105 6.61 18.22 19.98
N GLN B 106 5.79 18.49 18.96
CA GLN B 106 6.12 19.54 18.00
C GLN B 106 6.13 20.93 18.64
N ASN B 107 5.40 21.08 19.75
CA ASN B 107 5.31 22.35 20.45
C ASN B 107 6.39 22.55 21.50
N ASN B 108 7.14 21.50 21.79
CA ASN B 108 8.08 21.54 22.90
C ASN B 108 9.50 21.15 22.53
N ILE B 109 9.93 21.50 21.33
CA ILE B 109 11.27 21.14 20.87
C ILE B 109 12.40 21.76 21.71
N HIS B 110 12.07 22.76 22.54
CA HIS B 110 13.09 23.37 23.40
C HIS B 110 13.63 22.36 24.41
N ARG B 111 12.93 21.24 24.59
CA ARG B 111 13.38 20.19 25.52
C ARG B 111 14.26 19.14 24.86
N LEU B 112 14.54 19.28 23.56
CA LEU B 112 15.47 18.37 22.90
C LEU B 112 16.91 18.76 23.23
N PRO B 113 17.85 17.83 23.09
CA PRO B 113 19.24 18.26 23.21
C PRO B 113 19.50 19.36 22.20
N GLU B 114 20.43 20.26 22.50
CA GLU B 114 20.76 21.43 21.69
C GLU B 114 20.85 21.14 20.18
N GLN B 115 21.66 20.15 19.82
CA GLN B 115 21.92 19.80 18.43
C GLN B 115 20.61 19.48 17.69
N ASP B 116 19.75 18.70 18.33
CA ASP B 116 18.47 18.33 17.73
C ASP B 116 17.46 19.47 17.75
N ARG B 117 17.49 20.30 18.79
CA ARG B 117 16.64 21.49 18.83
C ARG B 117 16.97 22.42 17.68
N LYS B 118 18.25 22.66 17.46
CA LYS B 118 18.69 23.56 16.39
C LYS B 118 18.23 23.01 15.04
N ARG B 119 18.49 21.73 14.80
CA ARG B 119 17.99 21.11 13.57
C ARG B 119 16.48 21.30 13.40
N CYS B 120 15.71 21.02 14.45
CA CYS B 120 14.26 21.16 14.35
C CYS B 120 13.81 22.59 14.06
N LEU B 121 14.42 23.54 14.75
CA LEU B 121 14.07 24.95 14.58
C LEU B 121 14.47 25.42 13.17
N ASP B 122 15.72 25.17 12.80
CA ASP B 122 16.23 25.57 11.49
C ASP B 122 15.36 25.01 10.37
N GLU B 123 14.94 23.75 10.49
CA GLU B 123 14.15 23.14 9.43
C GLU B 123 12.72 23.67 9.47
N LEU B 124 12.27 24.07 10.65
CA LEU B 124 10.95 24.69 10.75
C LEU B 124 10.97 26.07 10.09
N VAL B 125 12.04 26.84 10.32
CA VAL B 125 12.19 28.12 9.64
C VAL B 125 12.21 27.93 8.12
N ARG B 126 13.01 26.99 7.65
CA ARG B 126 13.10 26.70 6.22
C ARG B 126 11.74 26.36 5.60
N SER B 127 10.96 25.53 6.27
CA SER B 127 9.69 25.11 5.69
C SER B 127 8.65 26.22 5.81
N HIS B 128 8.82 27.09 6.79
CA HIS B 128 7.95 28.24 6.94
C HIS B 128 8.17 29.22 5.77
N ALA B 129 9.41 29.26 5.28
CA ALA B 129 9.75 30.06 4.09
C ALA B 129 9.20 29.46 2.80
N ARG B 130 8.98 28.14 2.76
CA ARG B 130 8.43 27.50 1.55
C ARG B 130 6.91 27.64 1.54
N THR B 131 6.39 28.24 0.46
CA THR B 131 4.95 28.42 0.28
C THR B 131 4.39 27.52 -0.85
N TYR B 132 3.13 27.12 -0.72
CA TYR B 132 2.49 26.21 -1.66
C TYR B 132 1.10 26.70 -2.08
N THR B 133 0.76 26.42 -3.34
CA THR B 133 -0.49 26.85 -3.95
C THR B 133 -1.68 25.98 -3.54
N GLU B 134 -1.45 24.67 -3.42
CA GLU B 134 -2.51 23.74 -3.05
C GLU B 134 -2.16 23.04 -1.75
N PRO B 135 -3.17 22.51 -1.05
CA PRO B 135 -2.89 21.81 0.20
C PRO B 135 -2.22 20.46 -0.07
N PRO B 136 -1.58 19.87 0.94
CA PRO B 136 -0.90 18.59 0.78
C PRO B 136 -1.88 17.47 0.45
N ASN B 137 -1.41 16.48 -0.30
CA ASN B 137 -2.24 15.37 -0.76
C ASN B 137 -2.27 14.19 0.19
N ASN B 138 -1.35 14.17 1.14
CA ASN B 138 -1.32 13.07 2.11
C ASN B 138 -0.69 13.55 3.38
N PHE B 139 -0.86 12.77 4.44
CA PHE B 139 -0.47 13.11 5.78
C PHE B 139 1.04 13.36 5.91
N GLU B 140 1.87 12.55 5.27
CA GLU B 140 3.30 12.78 5.40
C GLU B 140 3.72 14.13 4.77
N GLU B 141 3.14 14.47 3.63
CA GLU B 141 3.43 15.73 2.96
C GLU B 141 2.98 16.87 3.86
N SER B 142 1.81 16.69 4.46
CA SER B 142 1.25 17.67 5.39
C SER B 142 2.15 17.92 6.59
N PHE B 143 2.53 16.86 7.30
CA PHE B 143 3.32 17.09 8.51
C PHE B 143 4.72 17.59 8.16
N THR B 144 5.22 17.20 7.00
CA THR B 144 6.52 17.69 6.58
C THR B 144 6.50 19.18 6.23
N ARG B 145 5.45 19.61 5.53
CA ARG B 145 5.32 21.04 5.23
C ARG B 145 5.09 21.85 6.51
N GLN B 146 4.30 21.29 7.40
CA GLN B 146 3.84 22.05 8.57
C GLN B 146 4.93 22.20 9.61
N PHE B 147 5.71 21.13 9.83
CA PHE B 147 6.69 21.09 10.92
C PHE B 147 8.14 21.10 10.46
N GLY B 148 8.36 20.94 9.16
CA GLY B 148 9.72 20.89 8.62
C GLY B 148 10.39 19.53 8.78
N GLU B 149 11.52 19.38 8.10
CA GLU B 149 12.21 18.10 8.02
C GLU B 149 12.76 17.60 9.35
N GLY B 150 13.07 18.52 10.27
CA GLY B 150 13.65 18.14 11.55
C GLY B 150 12.64 17.42 12.45
N ILE B 151 11.50 18.04 12.63
CA ILE B 151 10.44 17.43 13.41
C ILE B 151 9.92 16.15 12.74
N ALA B 152 9.85 16.15 11.42
CA ALA B 152 9.39 15.00 10.67
C ALA B 152 10.29 13.80 10.89
N ASP B 153 11.59 14.03 10.81
CA ASP B 153 12.58 12.97 10.93
C ASP B 153 12.72 12.43 12.35
N ILE B 154 12.68 13.31 13.33
CA ILE B 154 12.91 12.91 14.70
C ILE B 154 11.65 12.32 15.33
N PHE B 155 10.48 12.84 14.96
CA PHE B 155 9.24 12.39 15.57
C PHE B 155 8.14 11.91 14.61
N MET B 156 7.74 12.75 13.66
CA MET B 156 6.50 12.48 12.92
C MET B 156 6.57 11.22 12.05
N ARG B 157 7.65 11.04 11.31
CA ARG B 157 7.77 9.85 10.45
C ARG B 157 7.84 8.58 11.28
N PRO B 158 8.83 8.47 12.17
CA PRO B 158 8.92 7.21 12.90
C PRO B 158 7.74 6.98 13.86
N TYR B 159 7.28 8.02 14.56
CA TYR B 159 6.16 7.79 15.49
C TYR B 159 4.91 7.32 14.73
N ASN B 160 4.58 8.02 13.66
CA ASN B 160 3.35 7.67 12.96
C ASN B 160 3.34 6.28 12.34
N PHE B 161 4.46 5.83 11.79
CA PHE B 161 4.50 4.45 11.31
C PHE B 161 4.37 3.49 12.49
N LYS B 162 5.04 3.82 13.59
CA LYS B 162 5.04 2.96 14.76
C LYS B 162 3.65 2.79 15.38
N VAL B 163 2.80 3.82 15.34
CA VAL B 163 1.42 3.62 15.81
C VAL B 163 0.45 3.15 14.72
N TRP B 164 0.48 3.80 13.57
CA TRP B 164 -0.49 3.50 12.50
C TRP B 164 -0.19 2.20 11.78
N ALA B 165 1.07 1.75 11.85
CA ALA B 165 1.52 0.58 11.11
C ALA B 165 1.20 0.68 9.62
N VAL B 166 1.11 1.91 9.13
CA VAL B 166 0.86 2.18 7.71
C VAL B 166 1.77 3.34 7.33
N PRO B 167 2.40 3.30 6.15
CA PRO B 167 3.20 4.49 5.80
C PRO B 167 2.30 5.74 5.81
N PRO B 168 2.76 6.81 6.45
CA PRO B 168 1.88 7.99 6.58
C PRO B 168 1.55 8.63 5.23
N CYS B 169 2.35 8.36 4.21
CA CYS B 169 2.05 8.88 2.87
C CYS B 169 0.81 8.22 2.25
N LEU B 170 0.31 7.18 2.89
CA LEU B 170 -0.96 6.55 2.47
C LEU B 170 -2.17 7.09 3.23
N MET B 171 -1.95 8.04 4.13
CA MET B 171 -3.04 8.51 4.96
C MET B 171 -3.52 9.89 4.50
N SER B 172 -4.82 10.15 4.67
CA SER B 172 -5.41 11.45 4.33
C SER B 172 -5.00 12.49 5.37
N THR B 173 -5.52 13.71 5.21
CA THR B 173 -5.08 14.85 6.02
C THR B 173 -6.18 15.51 6.83
N GLU B 174 -7.42 15.10 6.64
CA GLU B 174 -8.54 15.85 7.21
C GLU B 174 -8.88 15.45 8.65
N TRP B 175 -8.43 14.27 9.06
CA TRP B 175 -8.70 13.74 10.39
C TRP B 175 -7.90 14.40 11.52
N VAL B 176 -7.02 15.33 11.19
CA VAL B 176 -5.99 15.77 12.15
C VAL B 176 -6.41 16.88 13.10
N GLU B 177 -7.53 17.54 12.80
CA GLU B 177 -7.97 18.72 13.52
C GLU B 177 -7.78 18.65 15.05
N GLU B 178 -8.32 17.62 15.69
CA GLU B 178 -8.16 17.46 17.13
C GLU B 178 -7.07 16.48 17.54
N ARG B 179 -6.19 16.09 16.61
CA ARG B 179 -5.20 15.05 16.92
C ARG B 179 -3.77 15.55 16.81
N VAL B 180 -3.49 16.34 15.78
CA VAL B 180 -2.14 16.81 15.52
C VAL B 180 -2.04 18.31 15.74
N ALA B 181 -1.37 18.71 16.82
CA ALA B 181 -1.30 20.12 17.19
C ALA B 181 -0.50 20.95 16.17
N PRO B 182 -1.01 22.13 15.83
CA PRO B 182 -0.25 23.01 14.94
C PRO B 182 0.87 23.69 15.72
N VAL B 183 1.84 24.26 15.02
CA VAL B 183 2.87 25.04 15.67
C VAL B 183 2.84 26.49 15.20
N ASP B 184 3.45 27.35 16.01
CA ASP B 184 3.60 28.75 15.68
C ASP B 184 5.07 29.09 15.84
N LEU B 185 5.71 29.48 14.74
CA LEU B 185 7.15 29.70 14.77
C LEU B 185 7.63 30.70 15.84
N GLU B 186 6.90 31.79 16.04
CA GLU B 186 7.35 32.81 16.97
C GLU B 186 7.15 32.38 18.42
N ARG B 187 6.09 31.61 18.68
CA ARG B 187 5.88 31.04 20.02
C ARG B 187 7.01 30.09 20.36
N ILE B 188 7.43 29.29 19.36
CA ILE B 188 8.51 28.34 19.56
C ILE B 188 9.87 29.02 19.77
N ARG B 189 10.14 30.10 19.06
CA ARG B 189 11.38 30.85 19.28
C ARG B 189 11.41 31.44 20.68
N ARG B 190 10.26 31.89 21.15
CA ARG B 190 10.14 32.42 22.49
C ARG B 190 10.25 31.29 23.54
N ASN B 191 9.60 30.16 23.30
CA ASN B 191 9.71 29.01 24.19
C ASN B 191 11.17 28.60 24.38
N ILE B 192 11.94 28.70 23.31
CA ILE B 192 13.34 28.32 23.32
C ILE B 192 14.19 29.30 24.13
N GLN B 193 13.83 30.58 24.04
CA GLN B 193 14.55 31.62 24.77
C GLN B 193 14.23 31.63 26.28
N GLU B 194 13.07 31.10 26.65
CA GLU B 194 12.64 31.10 28.05
C GLU B 194 12.55 29.70 28.67
N ASN B 195 12.85 28.66 27.90
CA ASN B 195 12.53 27.26 28.27
C ASN B 195 11.14 27.08 28.85
N ARG B 196 10.15 27.56 28.10
CA ARG B 196 8.77 27.58 28.55
C ARG B 196 7.99 26.47 27.86
N ASP B 197 7.49 25.51 28.62
CA ASP B 197 6.72 24.41 28.05
C ASP B 197 5.41 24.94 27.48
N ASP B 198 4.94 24.31 26.41
CA ASP B 198 3.66 24.65 25.80
C ASP B 198 2.71 23.49 26.09
N LEU B 199 1.92 23.65 27.15
CA LEU B 199 1.15 22.58 27.77
C LEU B 199 -0.35 22.75 27.59
N GLY B 200 -1.10 21.66 27.78
CA GLY B 200 -2.55 21.73 27.85
C GLY B 200 -3.34 21.72 26.55
N TRP B 201 -2.66 21.57 25.41
CA TRP B 201 -3.37 21.50 24.13
C TRP B 201 -4.28 20.27 24.00
N GLY B 202 -5.41 20.44 23.33
CA GLY B 202 -6.20 19.31 22.90
C GLY B 202 -7.29 18.84 23.84
N PRO B 203 -8.21 18.03 23.32
CA PRO B 203 -9.48 17.72 24.00
C PRO B 203 -9.33 16.79 25.19
N ASN B 204 -8.19 16.11 25.31
CA ASN B 204 -7.98 15.27 26.49
C ASN B 204 -6.99 15.85 27.51
N ALA B 205 -6.82 17.19 27.49
CA ALA B 205 -5.93 17.85 28.45
C ALA B 205 -6.44 17.60 29.88
N THR B 206 -7.74 17.34 29.97
CA THR B 206 -8.37 16.90 31.20
C THR B 206 -9.24 15.72 30.82
N PHE B 207 -9.26 14.70 31.65
CA PHE B 207 -10.05 13.52 31.34
C PHE B 207 -10.58 12.87 32.62
N ARG B 208 -11.52 11.93 32.47
CA ARG B 208 -11.99 11.18 33.64
C ARG B 208 -11.82 9.68 33.44
N PHE B 209 -11.70 8.97 34.56
CA PHE B 209 -11.54 7.52 34.53
C PHE B 209 -12.26 6.92 35.74
N PRO B 210 -12.92 5.77 35.55
CA PRO B 210 -13.66 5.17 36.68
C PRO B 210 -12.73 4.75 37.79
N GLN B 211 -13.18 4.93 39.04
CA GLN B 211 -12.38 4.56 40.19
C GLN B 211 -12.18 3.04 40.34
N ARG B 212 -13.15 2.25 39.87
CA ARG B 212 -13.03 0.80 39.99
C ARG B 212 -13.64 0.07 38.81
N GLY B 213 -12.89 -0.90 38.28
CA GLY B 213 -13.40 -1.78 37.24
C GLY B 213 -12.94 -1.43 35.84
N GLY B 214 -12.11 -0.39 35.73
CA GLY B 214 -11.55 -0.04 34.42
C GLY B 214 -12.61 0.58 33.53
N THR B 215 -12.26 0.81 32.28
CA THR B 215 -13.20 1.41 31.34
C THR B 215 -14.46 0.54 31.18
N GLY B 216 -14.28 -0.77 31.25
CA GLY B 216 -15.37 -1.71 31.02
C GLY B 216 -16.53 -1.60 32.02
N ILE B 217 -16.24 -1.12 33.23
CA ILE B 217 -17.31 -0.98 34.22
C ILE B 217 -18.37 -0.01 33.72
N ILE B 218 -17.98 0.94 32.87
CA ILE B 218 -18.97 1.90 32.37
C ILE B 218 -20.07 1.16 31.62
N TYR B 219 -19.66 0.29 30.71
CA TYR B 219 -20.60 -0.38 29.82
C TYR B 219 -21.27 -1.56 30.50
N GLN B 220 -20.63 -2.14 31.50
CA GLN B 220 -21.29 -3.12 32.34
C GLN B 220 -22.41 -2.45 33.12
N ALA B 221 -22.14 -1.26 33.66
CA ALA B 221 -23.15 -0.53 34.42
C ALA B 221 -24.33 -0.13 33.52
N ILE B 222 -24.02 0.27 32.29
CA ILE B 222 -25.09 0.64 31.37
C ILE B 222 -25.96 -0.58 31.06
N LYS B 223 -25.34 -1.72 30.85
CA LYS B 223 -26.09 -2.92 30.48
C LYS B 223 -27.10 -3.27 31.58
N GLU B 224 -26.64 -3.21 32.82
CA GLU B 224 -27.44 -3.54 33.98
C GLU B 224 -28.64 -2.62 34.13
N LYS B 225 -28.55 -1.41 33.58
CA LYS B 225 -29.65 -0.45 33.68
C LYS B 225 -30.65 -0.53 32.52
N LEU B 226 -30.35 -1.35 31.50
CA LEU B 226 -31.24 -1.54 30.38
C LEU B 226 -32.22 -2.68 30.66
N PRO B 227 -33.32 -2.76 29.91
CA PRO B 227 -34.28 -3.87 30.10
C PRO B 227 -33.68 -5.18 29.62
N SER B 228 -33.51 -6.15 30.52
CA SER B 228 -32.78 -7.38 30.18
C SER B 228 -33.46 -8.18 29.07
N GLU B 229 -34.75 -7.96 28.88
CA GLU B 229 -35.51 -8.72 27.91
C GLU B 229 -35.21 -8.26 26.48
N LYS B 230 -34.62 -7.07 26.34
CA LYS B 230 -34.29 -6.51 25.04
C LYS B 230 -32.87 -6.86 24.59
N LEU B 231 -32.11 -7.51 25.47
CA LEU B 231 -30.69 -7.79 25.21
C LEU B 231 -30.38 -9.28 25.13
N THR B 232 -29.46 -9.63 24.23
CA THR B 232 -28.94 -10.99 24.17
C THR B 232 -27.41 -10.99 24.11
N PHE B 233 -26.79 -11.62 25.09
CA PHE B 233 -25.33 -11.75 25.13
C PHE B 233 -24.96 -13.24 25.11
N ASN B 234 -24.54 -13.72 23.95
CA ASN B 234 -24.42 -15.15 23.73
C ASN B 234 -23.62 -15.43 22.47
N SER B 235 -22.57 -16.23 22.59
CA SER B 235 -21.69 -16.54 21.47
C SER B 235 -22.43 -17.06 20.24
N GLY B 236 -23.62 -17.63 20.47
CA GLY B 236 -24.43 -18.14 19.37
C GLY B 236 -25.08 -17.04 18.55
N PHE B 237 -25.08 -15.82 19.07
CA PHE B 237 -25.70 -14.70 18.35
C PHE B 237 -24.69 -13.78 17.68
N GLN B 238 -23.69 -14.38 17.05
CA GLN B 238 -22.83 -13.65 16.14
C GLN B 238 -23.55 -13.55 14.81
N ALA B 239 -23.77 -12.33 14.33
CA ALA B 239 -24.42 -12.15 13.04
C ALA B 239 -23.45 -12.56 11.92
N ILE B 240 -23.90 -13.43 11.02
CA ILE B 240 -23.02 -13.94 9.97
C ILE B 240 -23.59 -13.75 8.56
N ALA B 241 -24.85 -13.37 8.46
CA ALA B 241 -25.44 -13.10 7.16
C ALA B 241 -26.61 -12.17 7.31
N ILE B 242 -26.66 -11.16 6.44
CA ILE B 242 -27.79 -10.25 6.37
C ILE B 242 -28.45 -10.48 5.02
N ASP B 243 -29.75 -10.77 5.04
CA ASP B 243 -30.53 -10.83 3.80
C ASP B 243 -31.29 -9.52 3.66
N ALA B 244 -30.72 -8.58 2.91
CA ALA B 244 -31.30 -7.25 2.80
C ALA B 244 -32.64 -7.22 2.04
N ASP B 245 -32.92 -8.28 1.28
CA ASP B 245 -34.19 -8.38 0.55
C ASP B 245 -35.33 -8.77 1.48
N ALA B 246 -35.14 -9.89 2.17
CA ALA B 246 -36.10 -10.38 3.14
C ALA B 246 -36.06 -9.58 4.44
N LYS B 247 -34.99 -8.83 4.64
CA LYS B 247 -34.74 -8.10 5.88
C LYS B 247 -34.66 -9.02 7.10
N THR B 248 -33.74 -9.98 7.02
CA THR B 248 -33.48 -10.90 8.11
C THR B 248 -32.00 -10.94 8.44
N ILE B 249 -31.71 -11.33 9.67
CA ILE B 249 -30.34 -11.54 10.11
C ILE B 249 -30.21 -13.00 10.49
N THR B 250 -29.17 -13.65 9.98
CA THR B 250 -28.90 -15.02 10.37
C THR B 250 -27.67 -15.05 11.27
N PHE B 251 -27.82 -15.69 12.42
CA PHE B 251 -26.75 -15.82 13.39
C PHE B 251 -26.04 -17.16 13.31
N SER B 252 -24.91 -17.30 13.99
CA SER B 252 -24.11 -18.51 13.87
C SER B 252 -24.85 -19.73 14.40
N ASN B 253 -25.72 -19.53 15.39
CA ASN B 253 -26.46 -20.65 15.97
C ASN B 253 -27.63 -21.06 15.10
N GLY B 254 -27.70 -20.48 13.90
CA GLY B 254 -28.73 -20.84 12.95
C GLY B 254 -30.05 -20.09 13.08
N GLU B 255 -30.19 -19.29 14.14
CA GLU B 255 -31.42 -18.51 14.32
C GLU B 255 -31.47 -17.37 13.30
N VAL B 256 -32.66 -17.04 12.82
CA VAL B 256 -32.82 -15.89 11.94
C VAL B 256 -33.91 -14.95 12.45
N VAL B 257 -33.57 -13.68 12.56
CA VAL B 257 -34.53 -12.70 13.07
C VAL B 257 -34.79 -11.63 12.03
N SER B 258 -36.00 -11.07 12.02
CA SER B 258 -36.33 -10.04 11.06
C SER B 258 -36.10 -8.65 11.65
N TYR B 259 -35.99 -7.65 10.79
CA TYR B 259 -35.81 -6.28 11.25
C TYR B 259 -36.52 -5.33 10.29
N ASP B 260 -36.91 -4.17 10.79
CA ASP B 260 -37.35 -3.08 9.92
C ASP B 260 -36.19 -2.11 9.72
N TYR B 261 -35.48 -1.81 10.81
CA TYR B 261 -34.23 -1.08 10.75
C TYR B 261 -33.12 -1.85 11.45
N LEU B 262 -31.93 -1.82 10.87
CA LEU B 262 -30.79 -2.48 11.46
C LEU B 262 -29.71 -1.45 11.81
N ILE B 263 -29.36 -1.38 13.09
CA ILE B 263 -28.22 -0.59 13.54
C ILE B 263 -27.03 -1.53 13.72
N SER B 264 -26.14 -1.55 12.75
CA SER B 264 -25.03 -2.48 12.76
C SER B 264 -23.78 -1.78 13.24
N THR B 265 -23.10 -2.39 14.21
CA THR B 265 -21.84 -1.82 14.67
C THR B 265 -20.68 -2.74 14.38
N VAL B 266 -20.90 -3.81 13.62
CA VAL B 266 -19.81 -4.70 13.22
C VAL B 266 -18.93 -3.97 12.22
N PRO B 267 -17.67 -4.41 12.06
CA PRO B 267 -16.78 -3.71 11.13
C PRO B 267 -17.39 -3.63 9.72
N PHE B 268 -17.25 -2.46 9.10
CA PHE B 268 -17.87 -2.17 7.81
C PHE B 268 -17.45 -3.16 6.72
N ASP B 269 -16.20 -3.55 6.71
CA ASP B 269 -15.74 -4.55 5.81
C ASP B 269 -16.45 -5.91 5.97
N ASN B 270 -16.60 -6.40 7.17
CA ASN B 270 -17.39 -7.58 7.43
C ASN B 270 -18.85 -7.41 7.01
N LEU B 271 -19.42 -6.26 7.27
CA LEU B 271 -20.75 -5.99 6.90
C LEU B 271 -20.96 -6.11 5.41
N LEU B 272 -20.14 -5.45 4.63
CA LEU B 272 -20.21 -5.54 3.19
C LEU B 272 -20.11 -7.00 2.70
N ARG B 273 -19.29 -7.80 3.36
CA ARG B 273 -19.13 -9.20 2.96
C ARG B 273 -20.32 -10.10 3.29
N MET B 274 -21.05 -9.79 4.36
CA MET B 274 -22.14 -10.67 4.77
C MET B 274 -23.52 -10.20 4.31
N THR B 275 -23.57 -9.02 3.69
CA THR B 275 -24.86 -8.45 3.30
C THR B 275 -25.20 -8.77 1.85
N LYS B 276 -26.31 -9.48 1.65
CA LYS B 276 -26.71 -9.89 0.31
C LYS B 276 -28.06 -9.31 -0.06
N GLY B 277 -28.22 -8.94 -1.32
CA GLY B 277 -29.49 -8.45 -1.79
C GLY B 277 -29.51 -8.03 -3.25
N THR B 278 -30.69 -7.63 -3.72
CA THR B 278 -30.84 -7.12 -5.07
C THR B 278 -31.29 -5.66 -5.01
N GLY B 279 -30.95 -4.90 -6.04
CA GLY B 279 -31.35 -3.51 -6.11
C GLY B 279 -30.37 -2.52 -5.50
N PHE B 280 -29.21 -3.00 -5.07
CA PHE B 280 -28.15 -2.11 -4.56
C PHE B 280 -27.31 -1.55 -5.70
N LYS B 281 -27.32 -0.23 -5.88
CA LYS B 281 -26.43 0.36 -6.88
C LYS B 281 -24.99 0.13 -6.46
N GLY B 282 -24.17 -0.41 -7.36
CA GLY B 282 -22.76 -0.60 -7.09
C GLY B 282 -22.42 -1.86 -6.30
N TYR B 283 -23.43 -2.67 -6.06
CA TYR B 283 -23.31 -3.92 -5.31
C TYR B 283 -22.12 -4.81 -5.72
N ASP B 284 -21.85 -4.92 -7.01
CA ASP B 284 -20.76 -5.78 -7.48
C ASP B 284 -19.39 -5.30 -7.01
N GLU B 285 -19.29 -4.01 -6.67
CA GLU B 285 -18.04 -3.44 -6.15
C GLU B 285 -17.82 -3.69 -4.64
N TRP B 286 -18.79 -4.31 -3.97
CA TRP B 286 -18.71 -4.43 -2.51
C TRP B 286 -17.55 -5.29 -2.00
N PRO B 287 -17.29 -6.43 -2.65
CA PRO B 287 -16.15 -7.20 -2.17
C PRO B 287 -14.85 -6.41 -2.27
N ALA B 288 -14.67 -5.67 -3.37
CA ALA B 288 -13.45 -4.89 -3.56
C ALA B 288 -13.39 -3.72 -2.58
N ILE B 289 -14.55 -3.12 -2.28
CA ILE B 289 -14.56 -2.06 -1.30
C ILE B 289 -14.08 -2.61 0.04
N ALA B 290 -14.60 -3.77 0.43
CA ALA B 290 -14.26 -4.37 1.71
C ALA B 290 -12.75 -4.62 1.82
N ASP B 291 -12.15 -5.15 0.75
CA ASP B 291 -10.72 -5.44 0.72
C ASP B 291 -9.86 -4.18 0.84
N LYS B 292 -10.40 -3.04 0.43
CA LYS B 292 -9.64 -1.80 0.48
C LYS B 292 -9.71 -1.07 1.82
N MET B 293 -10.60 -1.48 2.72
CA MET B 293 -10.70 -0.78 4.02
C MET B 293 -9.44 -1.06 4.86
N VAL B 294 -8.59 -0.06 5.01
CA VAL B 294 -7.31 -0.25 5.67
C VAL B 294 -7.47 -0.17 7.18
N TYR B 295 -6.85 -1.10 7.91
CA TYR B 295 -6.85 -1.04 9.37
C TYR B 295 -5.54 -1.57 9.93
N SER B 296 -5.27 -1.27 11.19
CA SER B 296 -4.13 -1.87 11.87
C SER B 296 -4.64 -2.68 13.07
N SER B 297 -3.89 -3.70 13.45
CA SER B 297 -4.21 -4.47 14.63
C SER B 297 -3.46 -3.89 15.83
N THR B 298 -3.95 -4.20 17.03
CA THR B 298 -3.41 -3.64 18.24
C THR B 298 -3.07 -4.75 19.23
N ASN B 299 -1.84 -4.77 19.73
CA ASN B 299 -1.44 -5.65 20.82
C ASN B 299 -1.31 -4.88 22.13
N VAL B 300 -1.94 -5.40 23.17
CA VAL B 300 -1.86 -4.77 24.48
C VAL B 300 -1.04 -5.66 25.38
N ILE B 301 -0.03 -5.10 26.03
CA ILE B 301 0.77 -5.87 26.97
C ILE B 301 0.64 -5.19 28.32
N GLY B 302 0.22 -5.92 29.34
CA GLY B 302 0.12 -5.38 30.69
C GLY B 302 1.23 -5.91 31.56
N ILE B 303 2.01 -5.01 32.18
CA ILE B 303 3.10 -5.41 33.07
C ILE B 303 2.79 -4.94 34.50
N GLY B 304 2.60 -5.88 35.40
CA GLY B 304 2.35 -5.58 36.80
C GLY B 304 3.68 -5.59 37.53
N VAL B 305 3.91 -4.57 38.35
CA VAL B 305 5.22 -4.36 38.95
C VAL B 305 5.07 -4.18 40.47
N LYS B 306 6.00 -4.75 41.22
CA LYS B 306 6.00 -4.59 42.66
C LYS B 306 6.47 -3.19 43.03
N GLY B 307 5.84 -2.61 44.05
CA GLY B 307 6.29 -1.35 44.60
C GLY B 307 5.54 -0.15 44.06
N THR B 308 6.30 0.90 43.76
CA THR B 308 5.71 2.15 43.34
C THR B 308 6.51 2.70 42.16
N PRO B 309 5.88 3.50 41.30
CA PRO B 309 6.61 3.97 40.12
C PRO B 309 7.76 4.90 40.50
N PRO B 310 8.80 4.97 39.65
CA PRO B 310 9.92 5.87 39.93
C PRO B 310 9.47 7.34 39.90
N PRO B 311 10.27 8.23 40.52
CA PRO B 311 9.92 9.64 40.64
C PRO B 311 9.47 10.27 39.33
N HIS B 312 10.14 10.00 38.22
CA HIS B 312 9.76 10.68 36.99
C HIS B 312 8.40 10.21 36.44
N LEU B 313 7.84 9.15 37.02
CA LEU B 313 6.55 8.62 36.56
C LEU B 313 5.42 8.76 37.58
N LYS B 314 5.72 9.38 38.72
CA LYS B 314 4.75 9.50 39.81
C LYS B 314 3.37 10.00 39.39
N THR B 315 3.33 11.00 38.52
CA THR B 315 2.06 11.54 38.05
C THR B 315 1.87 11.41 36.52
N ALA B 316 2.69 10.60 35.89
CA ALA B 316 2.59 10.41 34.44
C ALA B 316 1.31 9.69 34.01
N CYS B 317 0.74 10.10 32.90
CA CYS B 317 -0.46 9.45 32.39
C CYS B 317 -0.10 8.48 31.26
N TRP B 318 0.05 8.98 30.04
CA TRP B 318 0.54 8.15 28.97
C TRP B 318 1.78 8.76 28.32
N LEU B 319 2.60 7.89 27.75
CA LEU B 319 3.89 8.26 27.21
C LEU B 319 4.06 7.74 25.78
N TYR B 320 4.77 8.51 24.96
CA TYR B 320 4.99 8.19 23.55
C TYR B 320 6.43 7.79 23.27
N PHE B 321 6.62 6.85 22.35
CA PHE B 321 7.94 6.28 22.07
C PHE B 321 8.20 6.18 20.57
N PRO B 322 8.73 7.24 19.97
CA PRO B 322 8.97 7.24 18.53
C PRO B 322 10.16 6.39 18.12
N GLU B 323 11.07 6.10 19.04
CA GLU B 323 12.33 5.45 18.66
C GLU B 323 12.27 3.91 18.55
N ASP B 324 13.27 3.32 17.91
CA ASP B 324 13.27 1.88 17.65
C ASP B 324 13.82 1.05 18.82
N THR B 325 14.11 1.71 19.93
CA THR B 325 14.60 1.02 21.14
C THR B 325 13.45 0.36 21.91
N SER B 326 12.23 0.49 21.39
CA SER B 326 11.10 -0.21 21.98
C SER B 326 10.10 -0.60 20.90
N PRO B 327 9.34 -1.67 21.14
CA PRO B 327 8.33 -2.05 20.14
C PRO B 327 7.04 -1.27 20.32
N PHE B 328 6.78 -0.77 21.53
CA PHE B 328 5.52 -0.09 21.81
C PHE B 328 5.52 1.39 21.40
N TYR B 329 4.42 1.87 20.84
CA TYR B 329 4.34 3.30 20.51
C TYR B 329 3.85 4.09 21.72
N ARG B 330 3.11 3.44 22.61
CA ARG B 330 2.59 4.12 23.80
C ARG B 330 2.63 3.26 25.05
N ALA B 331 2.89 3.90 26.20
CA ALA B 331 2.76 3.25 27.50
C ALA B 331 1.90 4.13 28.38
N THR B 332 1.00 3.51 29.13
CA THR B 332 0.16 4.21 30.08
C THR B 332 0.50 3.72 31.48
N VAL B 333 0.69 4.63 32.42
CA VAL B 333 0.91 4.20 33.78
C VAL B 333 -0.48 4.00 34.38
N PHE B 334 -1.05 2.83 34.11
CA PHE B 334 -2.46 2.60 34.34
C PHE B 334 -2.81 2.68 35.81
N SER B 335 -1.85 2.36 36.66
CA SER B 335 -2.09 2.44 38.10
C SER B 335 -2.25 3.88 38.59
N ASN B 336 -1.84 4.86 37.79
CA ASN B 336 -2.04 6.26 38.17
C ASN B 336 -3.46 6.75 37.92
N TYR B 337 -4.25 6.00 37.14
CA TYR B 337 -5.64 6.38 36.87
C TYR B 337 -6.54 6.06 38.04
N SER B 338 -6.19 4.98 38.75
CA SER B 338 -6.92 4.60 39.94
C SER B 338 -6.11 3.59 40.71
N LYS B 339 -5.94 3.82 42.01
CA LYS B 339 -5.21 2.87 42.83
C LYS B 339 -5.84 1.48 42.80
N TYR B 340 -7.13 1.40 42.48
CA TYR B 340 -7.82 0.11 42.50
C TYR B 340 -7.55 -0.74 41.25
N ASN B 341 -6.87 -0.16 40.26
CA ASN B 341 -6.45 -0.90 39.07
C ASN B 341 -5.37 -1.95 39.32
N VAL B 342 -4.77 -1.93 40.50
CA VAL B 342 -3.71 -2.90 40.86
C VAL B 342 -3.94 -3.35 42.30
N PRO B 343 -3.33 -4.48 42.71
CA PRO B 343 -3.33 -4.88 44.12
C PRO B 343 -2.43 -3.95 44.94
N GLU B 344 -2.72 -3.80 46.23
CA GLU B 344 -1.94 -2.90 47.10
C GLU B 344 -0.45 -3.21 47.02
N GLY B 345 0.37 -2.16 46.97
CA GLY B 345 1.82 -2.35 46.89
C GLY B 345 2.37 -2.65 45.50
N HIS B 346 1.61 -2.31 44.46
CA HIS B 346 2.06 -2.56 43.10
C HIS B 346 1.76 -1.38 42.20
N TRP B 347 2.31 -1.39 40.99
CA TRP B 347 1.87 -0.45 39.97
C TRP B 347 1.88 -1.16 38.61
N SER B 348 1.45 -0.48 37.57
CA SER B 348 1.33 -1.18 36.29
C SER B 348 1.63 -0.31 35.09
N LEU B 349 2.11 -0.97 34.03
CA LEU B 349 2.31 -0.36 32.73
C LEU B 349 1.45 -1.07 31.71
N MET B 350 0.72 -0.29 30.91
CA MET B 350 -0.02 -0.87 29.81
C MET B 350 0.65 -0.39 28.52
N LEU B 351 1.11 -1.35 27.72
CA LEU B 351 1.90 -1.04 26.52
C LEU B 351 1.11 -1.38 25.24
N GLU B 352 1.31 -0.59 24.20
CA GLU B 352 0.60 -0.84 22.93
C GLU B 352 1.59 -1.00 21.78
N VAL B 353 1.43 -2.09 21.05
CA VAL B 353 2.25 -2.39 19.88
C VAL B 353 1.32 -2.64 18.70
N SER B 354 1.52 -1.89 17.63
CA SER B 354 0.64 -1.99 16.47
C SER B 354 1.14 -3.07 15.52
N GLU B 355 0.29 -3.49 14.60
CA GLU B 355 0.60 -4.61 13.72
C GLU B 355 -0.22 -4.50 12.46
N SER B 356 0.40 -4.74 11.32
CA SER B 356 -0.33 -4.80 10.04
C SER B 356 0.47 -5.56 8.99
N LYS B 357 -0.04 -5.60 7.78
CA LYS B 357 0.71 -6.19 6.66
C LYS B 357 2.02 -5.45 6.43
N TYR B 358 2.05 -4.16 6.75
CA TYR B 358 3.28 -3.38 6.55
C TYR B 358 4.26 -3.56 7.68
N LYS B 359 3.78 -4.07 8.81
CA LYS B 359 4.55 -4.09 10.05
C LYS B 359 4.23 -5.37 10.81
N PRO B 360 4.91 -6.47 10.45
CA PRO B 360 4.60 -7.71 11.15
C PRO B 360 5.15 -7.70 12.57
N VAL B 361 4.54 -8.49 13.43
CA VAL B 361 4.99 -8.56 14.81
C VAL B 361 5.31 -10.01 15.17
N ASN B 362 6.44 -10.21 15.81
CA ASN B 362 6.79 -11.52 16.33
C ASN B 362 6.15 -11.77 17.69
N HIS B 363 5.05 -12.51 17.72
CA HIS B 363 4.32 -12.68 18.96
C HIS B 363 5.02 -13.59 19.96
N SER B 364 5.89 -14.45 19.49
CA SER B 364 6.55 -15.36 20.43
C SER B 364 7.58 -14.61 21.28
N THR B 365 8.15 -13.52 20.77
CA THR B 365 9.11 -12.75 21.54
C THR B 365 8.55 -11.43 22.07
N LEU B 366 7.28 -11.16 21.79
CA LEU B 366 6.70 -9.84 22.01
C LEU B 366 6.78 -9.34 23.47
N ILE B 367 6.37 -10.15 24.42
CA ILE B 367 6.40 -9.73 25.82
C ILE B 367 7.82 -9.41 26.27
N GLU B 368 8.77 -10.27 25.93
CA GLU B 368 10.17 -10.00 26.29
C GLU B 368 10.71 -8.75 25.59
N ASP B 369 10.39 -8.58 24.31
CA ASP B 369 10.80 -7.38 23.60
C ASP B 369 10.19 -6.13 24.25
N CYS B 370 8.97 -6.23 24.76
CA CYS B 370 8.38 -5.13 25.51
C CYS B 370 9.18 -4.79 26.78
N ILE B 371 9.62 -5.83 27.49
CA ILE B 371 10.34 -5.62 28.74
C ILE B 371 11.71 -5.02 28.46
N VAL B 372 12.37 -5.54 27.42
CA VAL B 372 13.61 -4.95 26.96
C VAL B 372 13.39 -3.48 26.59
N GLY B 373 12.28 -3.18 25.92
CA GLY B 373 11.97 -1.80 25.58
C GLY B 373 11.79 -0.91 26.80
N CYS B 374 11.11 -1.45 27.81
CA CYS B 374 10.90 -0.72 29.06
C CYS B 374 12.23 -0.36 29.72
N LEU B 375 13.14 -1.34 29.77
CA LEU B 375 14.47 -1.12 30.35
C LEU B 375 15.24 -0.06 29.57
N ALA B 376 15.06 -0.02 28.26
CA ALA B 376 15.81 0.91 27.44
C ALA B 376 15.16 2.30 27.39
N SER B 377 13.91 2.40 27.84
CA SER B 377 13.14 3.63 27.67
C SER B 377 12.78 4.25 29.00
N ASN B 378 13.51 3.89 30.05
CA ASN B 378 13.29 4.48 31.35
C ASN B 378 11.97 4.17 32.03
N LEU B 379 11.38 3.01 31.75
CA LEU B 379 10.14 2.67 32.41
C LEU B 379 10.38 1.65 33.52
N LEU B 380 11.36 0.78 33.35
CA LEU B 380 11.67 -0.22 34.36
C LEU B 380 13.16 -0.20 34.64
N LEU B 381 13.55 -0.77 35.77
CA LEU B 381 14.95 -0.96 36.10
C LEU B 381 15.18 -2.45 36.24
N PRO B 382 16.45 -2.89 36.08
CA PRO B 382 16.78 -4.32 36.15
C PRO B 382 16.25 -4.97 37.41
N GLU B 383 16.19 -4.23 38.51
CA GLU B 383 15.81 -4.80 39.79
C GLU B 383 14.30 -4.84 40.01
N ASP B 384 13.53 -4.26 39.08
CA ASP B 384 12.09 -4.32 39.19
C ASP B 384 11.57 -5.75 39.17
N LEU B 385 10.50 -5.98 39.92
CA LEU B 385 9.94 -7.31 40.08
C LEU B 385 8.58 -7.37 39.42
N LEU B 386 8.49 -8.15 38.35
CA LEU B 386 7.25 -8.23 37.56
C LEU B 386 6.39 -9.40 38.03
N VAL B 387 5.11 -9.14 38.29
CA VAL B 387 4.21 -10.16 38.79
C VAL B 387 3.10 -10.48 37.83
N SER B 388 2.91 -9.64 36.82
CA SER B 388 1.93 -9.92 35.78
C SER B 388 2.51 -9.57 34.42
N LYS B 389 2.37 -10.50 33.49
CA LYS B 389 2.70 -10.26 32.10
C LYS B 389 1.47 -10.67 31.33
N TRP B 390 0.63 -9.70 31.04
CA TRP B 390 -0.67 -9.95 30.45
C TRP B 390 -0.62 -9.45 29.00
N HIS B 391 -1.41 -10.07 28.13
CA HIS B 391 -1.44 -9.66 26.73
C HIS B 391 -2.76 -9.97 26.05
N TYR B 392 -3.08 -9.18 25.04
CA TYR B 392 -4.33 -9.32 24.32
C TYR B 392 -4.07 -8.85 22.90
N ARG B 393 -4.58 -9.59 21.93
CA ARG B 393 -4.41 -9.18 20.54
CA ARG B 393 -4.40 -9.25 20.53
C ARG B 393 -5.75 -8.80 19.93
N ILE B 394 -5.78 -7.61 19.35
CA ILE B 394 -6.97 -7.09 18.71
C ILE B 394 -6.76 -7.03 17.21
N GLU B 395 -7.60 -7.73 16.46
CA GLU B 395 -7.44 -7.75 15.01
C GLU B 395 -7.74 -6.37 14.41
N LYS B 396 -8.90 -5.79 14.76
CA LYS B 396 -9.24 -4.47 14.26
C LYS B 396 -9.17 -3.43 15.37
N GLY B 397 -8.05 -2.70 15.44
CA GLY B 397 -7.83 -1.71 16.48
C GLY B 397 -8.03 -0.29 16.02
N TYR B 398 -7.37 0.09 14.93
CA TYR B 398 -7.54 1.43 14.40
C TYR B 398 -8.07 1.39 12.99
N PRO B 399 -9.14 2.14 12.71
CA PRO B 399 -9.58 2.30 11.31
C PRO B 399 -8.76 3.41 10.67
N THR B 400 -7.77 3.03 9.88
CA THR B 400 -6.85 3.99 9.26
C THR B 400 -7.57 5.06 8.45
N PRO B 401 -7.27 6.34 8.71
CA PRO B 401 -7.84 7.35 7.80
C PRO B 401 -7.04 7.34 6.50
N PHE B 402 -7.24 6.28 5.71
CA PHE B 402 -6.44 6.06 4.50
C PHE B 402 -6.97 6.87 3.32
N ILE B 403 -6.07 7.21 2.41
CA ILE B 403 -6.46 7.99 1.24
C ILE B 403 -7.48 7.21 0.41
N GLY B 404 -8.60 7.86 0.08
CA GLY B 404 -9.66 7.21 -0.68
C GLY B 404 -10.81 6.72 0.17
N ARG B 405 -10.67 6.82 1.50
CA ARG B 405 -11.66 6.28 2.44
C ARG B 405 -13.09 6.81 2.26
N ASN B 406 -13.24 8.13 2.22
CA ASN B 406 -14.55 8.74 2.10
C ASN B 406 -15.21 8.35 0.79
N ASN B 407 -14.41 8.28 -0.27
CA ASN B 407 -14.89 7.82 -1.56
C ASN B 407 -15.48 6.41 -1.50
N LEU B 408 -14.77 5.49 -0.84
CA LEU B 408 -15.28 4.14 -0.67
C LEU B 408 -16.54 4.15 0.19
N LEU B 409 -16.50 4.87 1.32
CA LEU B 409 -17.65 4.89 2.22
C LEU B 409 -18.88 5.45 1.52
N GLU B 410 -18.69 6.46 0.68
CA GLU B 410 -19.80 7.12 -0.01
C GLU B 410 -20.42 6.22 -1.09
N LYS B 411 -19.68 5.22 -1.56
CA LYS B 411 -20.23 4.28 -2.56
C LYS B 411 -21.24 3.30 -1.98
N ALA B 412 -21.07 2.93 -0.71
CA ALA B 412 -21.94 1.91 -0.11
C ALA B 412 -22.85 2.42 1.03
N GLN B 413 -22.33 3.31 1.88
CA GLN B 413 -23.10 3.78 3.04
C GLN B 413 -24.53 4.29 2.69
N PRO B 414 -24.65 5.13 1.65
CA PRO B 414 -25.98 5.67 1.35
C PRO B 414 -26.90 4.58 0.81
N GLU B 415 -26.33 3.63 0.09
CA GLU B 415 -27.12 2.53 -0.44
C GLU B 415 -27.64 1.63 0.68
N LEU B 416 -26.81 1.37 1.68
CA LEU B 416 -27.21 0.59 2.86
C LEU B 416 -28.31 1.32 3.64
N MET B 417 -28.16 2.62 3.81
CA MET B 417 -29.11 3.41 4.61
C MET B 417 -30.51 3.46 3.97
N SER B 418 -30.57 3.64 2.65
CA SER B 418 -31.86 3.69 1.96
C SER B 418 -32.58 2.34 2.11
N ARG B 419 -31.82 1.29 2.38
CA ARG B 419 -32.41 -0.01 2.67
C ARG B 419 -32.44 -0.30 4.17
N CYS B 420 -32.41 0.75 4.98
CA CYS B 420 -32.64 0.66 6.41
C CYS B 420 -31.51 0.03 7.23
N ILE B 421 -30.33 -0.04 6.63
CA ILE B 421 -29.17 -0.55 7.35
C ILE B 421 -28.23 0.60 7.72
N TYR B 422 -28.13 0.89 9.01
CA TYR B 422 -27.23 1.93 9.49
C TYR B 422 -25.95 1.30 10.05
N SER B 423 -24.83 1.50 9.35
CA SER B 423 -23.54 0.97 9.78
C SER B 423 -22.76 2.09 10.49
N ARG B 424 -22.60 1.95 11.82
CA ARG B 424 -22.06 3.03 12.65
C ARG B 424 -21.04 2.54 13.69
N GLY B 425 -20.25 3.47 14.21
CA GLY B 425 -19.27 3.15 15.23
C GLY B 425 -17.86 3.23 14.69
N ARG B 426 -16.89 2.86 15.52
CA ARG B 426 -15.49 3.05 15.15
C ARG B 426 -15.15 2.30 13.85
N PHE B 427 -15.42 0.99 13.81
CA PHE B 427 -15.27 0.25 12.57
C PHE B 427 -16.57 0.15 11.75
N GLY B 428 -17.71 0.44 12.38
CA GLY B 428 -18.97 0.44 11.64
C GLY B 428 -19.02 1.56 10.60
N ALA B 429 -18.54 2.74 10.99
CA ALA B 429 -18.45 3.86 10.05
C ALA B 429 -17.02 4.10 9.59
N TRP B 430 -16.05 3.54 10.32
CA TRP B 430 -14.64 3.59 9.90
C TRP B 430 -14.05 5.00 9.86
N ARG B 431 -14.59 5.90 10.68
CA ARG B 431 -14.06 7.27 10.77
C ARG B 431 -13.32 7.46 12.10
N TYR B 432 -12.00 7.31 12.06
CA TYR B 432 -11.13 7.52 13.21
C TYR B 432 -11.37 8.84 13.91
N GLU B 433 -11.55 9.91 13.13
CA GLU B 433 -11.67 11.23 13.74
C GLU B 433 -12.91 11.33 14.62
N VAL B 434 -13.91 10.49 14.36
CA VAL B 434 -15.03 10.39 15.31
C VAL B 434 -15.13 8.94 15.79
N GLY B 435 -14.01 8.42 16.28
CA GLY B 435 -13.93 7.04 16.71
C GLY B 435 -13.67 6.79 18.19
N ASN B 436 -13.77 7.82 19.03
CA ASN B 436 -13.67 7.63 20.49
C ASN B 436 -14.97 7.11 21.10
N GLN B 437 -14.97 6.87 22.41
CA GLN B 437 -16.15 6.30 23.08
C GLN B 437 -17.36 7.22 23.00
N ASP B 438 -17.14 8.51 23.25
CA ASP B 438 -18.27 9.43 23.23
C ASP B 438 -18.80 9.55 21.79
N HIS B 439 -17.90 9.67 20.81
CA HIS B 439 -18.34 9.73 19.41
C HIS B 439 -19.17 8.50 19.05
N SER B 440 -18.70 7.34 19.48
CA SER B 440 -19.32 6.10 19.06
C SER B 440 -20.71 6.01 19.67
N PHE B 441 -20.76 6.18 20.98
CA PHE B 441 -22.02 6.17 21.71
C PHE B 441 -23.01 7.15 21.05
N MET B 442 -22.56 8.35 20.73
CA MET B 442 -23.46 9.32 20.13
C MET B 442 -23.89 8.95 18.71
N GLN B 443 -23.05 8.23 17.97
CA GLN B 443 -23.45 7.77 16.65
C GLN B 443 -24.60 6.81 16.79
N GLY B 444 -24.58 6.03 17.87
CA GLY B 444 -25.67 5.13 18.18
C GLY B 444 -26.93 5.91 18.51
N VAL B 445 -26.77 6.91 19.38
CA VAL B 445 -27.87 7.78 19.75
C VAL B 445 -28.45 8.48 18.51
N GLU B 446 -27.57 9.04 17.69
CA GLU B 446 -28.01 9.82 16.53
C GLU B 446 -28.67 8.97 15.46
N ALA B 447 -28.22 7.72 15.32
CA ALA B 447 -28.84 6.77 14.39
C ALA B 447 -30.31 6.55 14.73
N ILE B 448 -30.57 6.33 16.02
CA ILE B 448 -31.92 6.11 16.52
C ILE B 448 -32.80 7.34 16.27
N ASP B 449 -32.29 8.52 16.61
CA ASP B 449 -33.03 9.74 16.34
C ASP B 449 -33.39 9.80 14.86
N HIS B 450 -32.49 9.35 13.99
CA HIS B 450 -32.73 9.44 12.55
C HIS B 450 -33.76 8.41 12.08
N VAL B 451 -33.62 7.19 12.57
CA VAL B 451 -34.57 6.13 12.26
C VAL B 451 -35.99 6.50 12.68
N LEU B 452 -36.12 7.05 13.89
CA LEU B 452 -37.42 7.39 14.47
C LEU B 452 -37.96 8.75 14.03
N GLY B 453 -37.28 9.40 13.09
CA GLY B 453 -37.74 10.66 12.54
C GLY B 453 -37.68 11.82 13.50
N LEU B 454 -36.83 11.71 14.52
CA LEU B 454 -36.65 12.77 15.51
C LEU B 454 -35.57 13.74 15.07
N ALA B 455 -34.87 13.40 14.00
CA ALA B 455 -33.83 14.24 13.44
C ALA B 455 -33.67 13.92 11.96
N THR B 456 -33.14 14.87 11.20
CA THR B 456 -33.02 14.70 9.76
C THR B 456 -31.59 14.40 9.31
N GLU B 457 -30.63 14.60 10.21
CA GLU B 457 -29.22 14.32 9.89
C GLU B 457 -28.49 13.71 11.09
N GLU B 458 -27.47 12.91 10.82
CA GLU B 458 -26.63 12.36 11.87
C GLU B 458 -25.29 13.10 11.81
N THR B 459 -25.16 14.15 12.61
CA THR B 459 -24.05 15.08 12.47
C THR B 459 -22.68 14.51 12.85
N THR B 460 -22.62 13.64 13.85
CA THR B 460 -21.32 13.06 14.23
C THR B 460 -20.71 12.22 13.10
N VAL B 461 -21.46 11.25 12.59
CA VAL B 461 -20.89 10.39 11.56
C VAL B 461 -20.66 11.13 10.24
N ALA B 462 -21.45 12.17 9.97
CA ALA B 462 -21.39 12.85 8.66
C ALA B 462 -20.54 14.13 8.63
N ASN B 463 -20.49 14.84 9.75
CA ASN B 463 -19.85 16.16 9.81
C ASN B 463 -18.88 16.27 10.97
N PRO B 464 -17.73 15.56 10.88
CA PRO B 464 -16.77 15.49 11.98
C PRO B 464 -16.25 16.86 12.43
N GLY B 465 -16.15 17.80 11.49
CA GLY B 465 -15.67 19.14 11.80
C GLY B 465 -16.57 19.94 12.73
N ARG B 466 -17.84 19.55 12.83
CA ARG B 466 -18.82 20.25 13.66
C ARG B 466 -18.71 19.90 15.14
N VAL B 467 -18.66 18.61 15.46
CA VAL B 467 -18.54 18.17 16.85
C VAL B 467 -17.13 18.45 17.39
N ASN B 468 -16.13 18.22 16.55
CA ASN B 468 -14.74 18.51 16.91
C ASN B 468 -14.36 19.94 16.52
N THR B 474 -28.42 17.37 23.77
CA THR B 474 -29.20 18.03 24.80
C THR B 474 -28.89 17.45 26.18
N HIS B 475 -29.94 17.16 26.95
CA HIS B 475 -29.78 16.54 28.26
C HIS B 475 -30.36 15.13 28.34
N PHE B 476 -29.65 14.23 29.01
CA PHE B 476 -30.10 12.86 29.21
C PHE B 476 -31.13 12.78 30.35
N GLY B 477 -32.26 12.14 30.08
CA GLY B 477 -33.40 12.19 30.98
C GLY B 477 -33.64 11.04 31.96
N LEU B 478 -32.87 9.96 31.86
CA LEU B 478 -33.11 8.79 32.71
C LEU B 478 -32.53 8.91 34.12
N1 UDP C . 6.80 8.75 -17.99
C2 UDP C . 7.12 10.15 -18.00
N3 UDP C . 6.54 11.00 -18.98
C4 UDP C . 5.66 10.47 -19.95
C5 UDP C . 5.35 9.01 -19.96
C6 UDP C . 5.91 8.19 -18.99
O2 UDP C . 7.88 10.59 -17.15
O4 UDP C . 5.17 11.21 -20.78
C1' UDP C . 7.41 7.89 -17.00
C2' UDP C . 6.40 7.18 -16.17
O2' UDP C . 6.60 7.56 -14.85
C3' UDP C . 6.63 5.76 -16.41
C4' UDP C . 8.03 5.71 -16.92
O4' UDP C . 8.22 6.92 -17.61
O3' UDP C . 6.47 5.00 -15.25
C5' UDP C . 8.37 4.55 -17.90
O5' UDP C . 7.25 4.32 -18.70
PA UDP C . 7.40 3.60 -20.09
O1A UDP C . 6.14 3.54 -21.05
O2A UDP C . 8.74 4.27 -20.59
O3A UDP C . 8.08 2.24 -19.65
PB UDP C . 7.27 0.94 -19.35
O1B UDP C . 5.92 1.11 -18.75
O2B UDP C . 7.10 0.22 -20.68
O3B UDP C . 8.11 0.07 -18.47
PA FDA D . 10.37 -13.78 -18.51
O1A FDA D . 9.10 -13.62 -17.65
O2A FDA D . 10.37 -13.24 -19.84
O5B FDA D . 10.82 -15.17 -18.81
C5B FDA D . 10.74 -16.15 -17.77
C4B FDA D . 10.43 -17.57 -18.24
O4B FDA D . 10.69 -18.53 -17.25
C3B FDA D . 8.99 -17.79 -18.63
O3B FDA D . 8.89 -18.32 -19.88
C2B FDA D . 8.44 -18.75 -17.67
O2B FDA D . 7.51 -19.60 -18.25
C1B FDA D . 9.65 -19.47 -17.22
N9A FDA D . 9.43 -19.98 -15.89
C8A FDA D . 8.96 -19.30 -14.78
N7A FDA D . 8.87 -20.14 -13.75
C5A FDA D . 9.28 -21.42 -14.15
C6A FDA D . 9.40 -22.64 -13.51
N6A FDA D . 9.05 -22.75 -12.12
N1A FDA D . 9.81 -23.73 -14.18
C2A FDA D . 10.15 -23.64 -15.50
N3A FDA D . 10.05 -22.45 -16.16
C4A FDA D . 9.63 -21.34 -15.53
N1 FDA D . 11.18 -5.17 -23.00
C2 FDA D . 11.79 -4.44 -24.08
O2 FDA D . 13.10 -4.70 -24.41
N3 FDA D . 11.05 -3.45 -24.79
C4 FDA D . 9.72 -3.19 -24.43
O4 FDA D . 9.00 -2.25 -25.11
C4X FDA D . 9.08 -3.95 -23.32
N5 FDA D . 7.72 -3.64 -22.91
C5X FDA D . 7.10 -4.49 -21.93
C6 FDA D . 5.66 -4.27 -21.63
C7 FDA D . 5.02 -5.11 -20.70
C7M FDA D . 3.56 -4.90 -20.40
C8 FDA D . 5.75 -6.16 -20.05
C8M FDA D . 5.07 -7.06 -19.05
C9 FDA D . 7.12 -6.36 -20.34
C9A FDA D . 7.79 -5.48 -21.31
N10 FDA D . 9.20 -5.68 -21.60
C10 FDA D . 9.80 -4.91 -22.64
C1' FDA D . 10.06 -6.48 -20.70
C2' FDA D . 10.36 -7.85 -21.29
O2' FDA D . 9.19 -8.58 -21.45
C3' FDA D . 11.31 -8.56 -20.35
O3' FDA D . 12.49 -7.85 -20.29
C4' FDA D . 11.66 -10.01 -20.63
O4' FDA D . 10.56 -10.75 -21.08
C5' FDA D . 12.17 -10.66 -19.34
O5' FDA D . 12.96 -11.77 -19.64
P FDA D . 13.04 -13.05 -18.70
O1P FDA D . 13.69 -14.36 -19.31
O2P FDA D . 13.71 -12.33 -17.47
O3P FDA D . 11.59 -13.10 -18.01
S SO4 E . 2.37 -12.69 -2.70
O1 SO4 E . 0.95 -12.42 -2.47
O2 SO4 E . 3.06 -11.50 -3.16
O3 SO4 E . 2.98 -13.09 -1.43
O4 SO4 E . 2.49 -13.72 -3.72
S SO4 F . -7.10 -14.25 -18.67
O1 SO4 F . -7.26 -14.17 -17.22
O2 SO4 F . -7.18 -12.91 -19.27
O3 SO4 F . -8.19 -15.07 -19.19
O4 SO4 F . -5.79 -14.80 -18.99
S SO4 G . -13.94 -10.73 -11.56
O1 SO4 G . -14.98 -9.97 -10.86
O2 SO4 G . -12.76 -9.88 -11.74
O3 SO4 G . -13.55 -11.91 -10.78
O4 SO4 G . -14.47 -11.16 -12.84
N1 EPE H . -2.93 -16.89 -18.03
C2 EPE H . -3.56 -18.20 -18.17
C3 EPE H . -4.90 -17.97 -18.86
N4 EPE H . -4.71 -17.31 -20.14
C5 EPE H . -3.71 -16.27 -20.27
C6 EPE H . -2.49 -16.43 -19.36
C7 EPE H . -5.72 -17.53 -21.16
C8 EPE H . -6.37 -16.25 -21.69
O8 EPE H . -5.55 -15.68 -22.68
C9 EPE H . -1.84 -16.96 -17.05
C10 EPE H . -0.53 -16.30 -17.49
S EPE H . 0.59 -16.08 -16.09
O1S EPE H . -0.08 -15.33 -15.04
O2S EPE H . 1.79 -15.36 -16.53
O3S EPE H . 0.94 -17.38 -15.55
PA FDA I . -16.57 -1.70 19.54
O1A FDA I . -15.88 -1.26 20.86
O2A FDA I . -15.83 -2.46 18.54
O5B FDA I . -17.69 -2.68 19.69
C5B FDA I . -18.24 -3.47 18.66
C4B FDA I . -19.09 -4.60 19.24
O4B FDA I . -19.81 -5.30 18.26
C3B FDA I . -18.30 -5.62 19.98
O3B FDA I . -18.85 -5.85 21.21
C2B FDA I . -18.37 -6.85 19.15
O2B FDA I . -18.30 -8.00 19.91
C1B FDA I . -19.69 -6.68 18.50
N9A FDA I . -19.77 -7.42 17.26
C8A FDA I . -18.93 -7.34 16.17
N7A FDA I . -19.35 -8.17 15.21
C5A FDA I . -20.49 -8.85 15.65
C6A FDA I . -21.32 -9.79 15.07
N6A FDA I . -21.02 -10.28 13.75
N1A FDA I . -22.38 -10.26 15.77
C2A FDA I . -22.66 -9.81 17.02
N3A FDA I . -21.87 -8.87 17.62
C4A FDA I . -20.79 -8.37 16.97
N1 FDA I . -11.94 5.90 23.14
C2 FDA I . -11.98 7.01 24.05
O2 FDA I . -13.18 7.65 24.20
N3 FDA I . -10.84 7.42 24.75
C4 FDA I . -9.63 6.74 24.57
O4 FDA I . -8.49 7.12 25.25
C4X FDA I . -9.58 5.59 23.63
N5 FDA I . -8.33 4.92 23.41
C5X FDA I . -8.34 3.74 22.57
C6 FDA I . -7.08 2.96 22.47
C7 FDA I . -7.03 1.80 21.68
C7M FDA I . -5.74 1.05 21.62
C8 FDA I . -8.20 1.39 20.97
C8M FDA I . -8.17 0.15 20.10
C9 FDA I . -9.41 2.14 21.05
C9A FDA I . -9.45 3.35 21.89
N10 FDA I . -10.67 4.13 22.03
C10 FDA I . -10.69 5.21 22.96
C1' FDA I . -11.81 4.00 21.12
C2' FDA I . -12.91 3.16 21.74
O2' FDA I . -12.43 1.90 22.09
C3' FDA I . -13.99 3.04 20.68
O3' FDA I . -14.47 4.31 20.41
C4' FDA I . -15.20 2.15 20.98
O4' FDA I . -14.86 1.00 21.70
C5' FDA I . -15.90 1.80 19.68
O5' FDA I . -17.23 1.50 19.97
P FDA I . -18.11 0.52 19.06
O1P FDA I . -19.50 0.09 19.67
O2P FDA I . -18.05 1.37 17.73
O3P FDA I . -17.05 -0.63 18.59
N1 UDP J . 0.74 13.25 17.79
C2 UDP J . 1.44 14.51 17.63
N3 UDP J . 2.39 14.92 18.61
C4 UDP J . 2.67 14.13 19.73
C5 UDP J . 1.94 12.85 19.89
C6 UDP J . 1.01 12.45 18.94
O2 UDP J . 1.17 15.23 16.68
O4 UDP J . 3.51 14.50 20.58
C1' UDP J . -0.19 12.81 16.77
C2' UDP J . 0.22 11.49 16.15
O2' UDP J . 0.33 11.69 14.80
C3' UDP J . -0.86 10.54 16.45
C4' UDP J . -2.03 11.43 16.73
O4' UDP J . -1.50 12.63 17.27
O3' UDP J . -1.10 9.66 15.40
C5' UDP J . -3.11 10.91 17.71
O5' UDP J . -2.45 10.34 18.79
PA UDP J . -3.18 9.99 20.13
O1A UDP J . -3.82 11.40 20.45
O2A UDP J . -2.29 9.26 21.25
O3A UDP J . -4.50 9.27 19.57
PB UDP J . -4.72 7.73 19.57
O1B UDP J . -5.04 7.24 20.96
O2B UDP J . -3.50 7.00 19.07
O3B UDP J . -5.95 7.47 18.73
S SO4 K . -8.97 -8.22 5.14
O1 SO4 K . -8.85 -7.36 3.97
O2 SO4 K . -10.12 -7.84 5.94
O3 SO4 K . -7.77 -8.12 5.95
O4 SO4 K . -9.13 -9.62 4.71
#